data_3ZKI
#
_entry.id   3ZKI
#
_cell.length_a   47.310
_cell.length_b   89.249
_cell.length_c   98.850
_cell.angle_alpha   90.00
_cell.angle_beta   96.96
_cell.angle_gamma   90.00
#
_symmetry.space_group_name_H-M   'P 1 21 1'
#
loop_
_entity.id
_entity.type
_entity.pdbx_description
1 polymer 'BETA-SECRETASE 2'
2 non-polymer '5-(2,2,2-Trifluoro-ethoxy)-pyridine-2-carboxylic acid [3-((S)-2-amino-1,4-dimethyl-6-oxo-1,4,5,6-tetrahydro-pyrimidin-4-yl)-phenyl]-amide'
3 water water
#
_entity_poly.entity_id   1
_entity_poly.type   'polypeptide(L)'
_entity_poly.pdbx_seq_one_letter_code
;ANFLAMVDNLQGDSGRGYYLEMLIGTPPQKLQILVDTGSSNFAVAGTPHSYIDTYFDTERSSTYRSKGFDVTVKYTQGSW
TGFVGEDLVTIPKGFNTSFLVNIATIFESENFFLPGIKWNGILGLAYATLAKPSSSLETFFDSLVTQANIPNVFSMQMCG
AGLPVAGSGTNGGSLVLGGIEPSLYKGDIWYTPIKEEWYYQIEILKLEIGGQSLNLDCREYNADKAIVDSGTTLLRLPQK
VFDAVVEAVARASLIPAFSDGFWTGSQLACWTNSETPWSYFPKISIYLRDENSSRSFRITILPQLYIQPMMGAGLNYECY
RFGISPSTNALVIGATVMEGFYVIFDRAQKRVGFAASPCAEIAGAAVSEISGPFSTEDVASNCVPA
;
_entity_poly.pdbx_strand_id   A,B
#
# COMPACT_ATOMS: atom_id res chain seq x y z
N ASN A 2 -16.62 -34.06 -1.13
CA ASN A 2 -16.48 -33.10 -2.28
C ASN A 2 -15.34 -32.09 -2.04
N PHE A 3 -14.09 -32.58 -1.95
CA PHE A 3 -12.91 -31.76 -1.59
C PHE A 3 -12.55 -30.71 -2.63
N LEU A 4 -12.78 -31.03 -3.90
CA LEU A 4 -12.44 -30.14 -5.02
C LEU A 4 -13.35 -28.90 -5.16
N ALA A 5 -14.46 -28.87 -4.43
CA ALA A 5 -15.31 -27.67 -4.35
C ALA A 5 -15.05 -26.88 -3.06
N MET A 6 -14.11 -27.38 -2.25
CA MET A 6 -13.54 -26.64 -1.11
C MET A 6 -12.24 -25.89 -1.47
N VAL A 7 -11.88 -25.94 -2.74
CA VAL A 7 -10.72 -25.20 -3.27
C VAL A 7 -11.15 -23.75 -3.58
N ASP A 8 -10.21 -22.83 -3.36
CA ASP A 8 -10.44 -21.38 -3.48
C ASP A 8 -11.69 -20.85 -2.77
N ASN A 9 -11.92 -21.33 -1.56
CA ASN A 9 -13.01 -20.83 -0.74
C ASN A 9 -12.58 -19.77 0.27
N LEU A 10 -11.32 -19.34 0.20
CA LEU A 10 -10.82 -18.31 1.14
C LEU A 10 -10.32 -17.08 0.42
N GLN A 11 -10.74 -15.91 0.92
CA GLN A 11 -10.18 -14.64 0.46
C GLN A 11 -9.26 -14.02 1.51
N GLY A 12 -8.16 -13.44 1.03
CA GLY A 12 -7.06 -12.96 1.87
C GLY A 12 -6.93 -11.46 1.99
N ASP A 13 -7.76 -10.73 1.25
CA ASP A 13 -7.75 -9.25 1.24
C ASP A 13 -6.38 -8.59 1.50
N SER A 14 -5.34 -9.05 0.79
CA SER A 14 -3.98 -8.52 0.98
C SER A 14 -3.55 -8.44 2.46
N GLY A 15 -3.56 -9.58 3.15
CA GLY A 15 -2.90 -9.69 4.46
C GLY A 15 -3.67 -9.37 5.74
N ARG A 16 -4.97 -9.07 5.61
CA ARG A 16 -5.79 -8.71 6.78
C ARG A 16 -6.62 -9.92 7.28
N GLY A 17 -6.15 -11.13 6.99
CA GLY A 17 -6.83 -12.33 7.40
C GLY A 17 -7.46 -13.09 6.27
N TYR A 18 -7.36 -14.42 6.30
CA TYR A 18 -8.10 -15.25 5.36
C TYR A 18 -9.48 -15.51 5.89
N TYR A 19 -10.49 -15.21 5.07
CA TYR A 19 -11.87 -15.39 5.50
C TYR A 19 -12.72 -16.18 4.53
N LEU A 20 -13.71 -16.84 5.11
CA LEU A 20 -14.59 -17.77 4.45
C LEU A 20 -15.99 -17.16 4.46
N GLU A 21 -16.73 -17.33 3.39
CA GLU A 21 -18.09 -16.86 3.34
C GLU A 21 -19.03 -17.90 3.97
N MET A 22 -19.99 -17.45 4.77
CA MET A 22 -20.94 -18.33 5.42
C MET A 22 -22.35 -17.81 5.33
N LEU A 23 -23.27 -18.74 5.12
CA LEU A 23 -24.69 -18.41 5.24
C LEU A 23 -25.13 -18.86 6.62
N ILE A 24 -25.68 -17.94 7.40
CA ILE A 24 -26.12 -18.23 8.77
C ILE A 24 -27.63 -18.00 8.96
N GLY A 25 -28.33 -19.00 9.49
CA GLY A 25 -29.76 -18.85 9.85
C GLY A 25 -30.76 -18.97 8.70
N THR A 26 -32.05 -18.80 9.02
CA THR A 26 -33.13 -18.96 8.06
C THR A 26 -34.06 -17.75 8.08
N PRO A 27 -34.19 -17.06 6.93
CA PRO A 27 -33.45 -17.28 5.69
C PRO A 27 -32.00 -16.71 5.78
N PRO A 28 -31.06 -17.26 5.01
CA PRO A 28 -29.62 -17.09 5.31
C PRO A 28 -29.09 -15.66 5.26
N GLN A 29 -28.34 -15.27 6.29
CA GLN A 29 -27.58 -14.01 6.24
C GLN A 29 -26.12 -14.31 5.96
N LYS A 30 -25.54 -13.52 5.06
CA LYS A 30 -24.23 -13.83 4.57
C LYS A 30 -23.19 -13.06 5.33
N LEU A 31 -22.26 -13.78 5.95
N LEU A 31 -22.29 -13.77 6.01
CA LEU A 31 -21.15 -13.19 6.66
CA LEU A 31 -21.19 -13.12 6.72
C LEU A 31 -19.80 -13.50 6.03
C LEU A 31 -19.81 -13.58 6.24
N GLN A 32 -18.77 -12.81 6.51
N GLN A 32 -18.81 -12.75 6.54
CA GLN A 32 -17.40 -13.05 6.12
CA GLN A 32 -17.43 -13.02 6.17
C GLN A 32 -16.66 -13.34 7.42
C GLN A 32 -16.69 -13.35 7.45
N ILE A 33 -16.09 -14.53 7.51
CA ILE A 33 -15.62 -15.09 8.77
C ILE A 33 -14.13 -15.44 8.73
N LEU A 34 -13.36 -14.86 9.65
CA LEU A 34 -11.95 -15.13 9.76
C LEU A 34 -11.74 -16.58 10.18
N VAL A 35 -10.87 -17.29 9.47
CA VAL A 35 -10.52 -18.64 9.81
C VAL A 35 -9.36 -18.60 10.77
N ASP A 36 -9.60 -19.08 11.98
CA ASP A 36 -8.66 -18.91 13.08
C ASP A 36 -8.30 -20.20 13.82
N THR A 37 -7.12 -20.74 13.62
CA THR A 37 -6.72 -21.98 14.35
C THR A 37 -6.19 -21.73 15.76
N GLY A 38 -6.32 -20.46 16.19
CA GLY A 38 -5.85 -20.05 17.49
C GLY A 38 -6.93 -19.76 18.51
N SER A 39 -8.19 -20.08 18.19
CA SER A 39 -9.30 -19.87 19.13
C SER A 39 -10.38 -20.93 18.88
N SER A 40 -11.45 -20.92 19.68
CA SER A 40 -12.38 -22.02 19.67
C SER A 40 -13.86 -21.65 19.70
N ASN A 41 -14.16 -20.37 19.48
CA ASN A 41 -15.52 -19.91 19.46
C ASN A 41 -15.87 -19.49 18.06
N PHE A 42 -17.12 -19.72 17.69
CA PHE A 42 -17.69 -19.06 16.53
C PHE A 42 -18.41 -17.81 17.05
N ALA A 43 -17.90 -16.64 16.66
CA ALA A 43 -18.45 -15.36 17.11
C ALA A 43 -18.57 -14.41 15.94
N VAL A 44 -19.69 -13.72 15.84
CA VAL A 44 -19.93 -12.83 14.71
C VAL A 44 -20.59 -11.58 15.26
N ALA A 45 -20.50 -10.49 14.50
CA ALA A 45 -21.15 -9.22 14.88
C ALA A 45 -22.64 -9.45 15.02
N GLY A 46 -23.21 -8.97 16.12
CA GLY A 46 -24.66 -9.10 16.29
C GLY A 46 -25.39 -7.77 16.34
N THR A 47 -24.66 -6.66 16.19
CA THR A 47 -25.24 -5.31 16.15
C THR A 47 -24.42 -4.50 15.18
N PRO A 48 -24.95 -3.34 14.73
CA PRO A 48 -24.12 -2.50 13.84
C PRO A 48 -22.85 -2.00 14.53
N HIS A 49 -21.81 -1.83 13.72
CA HIS A 49 -20.56 -1.24 14.16
C HIS A 49 -20.09 -0.47 12.96
N SER A 50 -19.61 0.76 13.17
CA SER A 50 -19.22 1.62 12.05
C SER A 50 -18.05 1.08 11.21
N TYR A 51 -17.36 0.04 11.65
CA TYR A 51 -16.24 -0.49 10.85
C TYR A 51 -16.56 -1.75 10.05
N ILE A 52 -17.80 -2.23 10.18
CA ILE A 52 -18.26 -3.41 9.44
C ILE A 52 -19.41 -3.06 8.49
N ASP A 53 -19.59 -3.85 7.43
CA ASP A 53 -20.66 -3.61 6.47
C ASP A 53 -21.94 -4.34 6.88
N THR A 54 -21.78 -5.44 7.61
CA THR A 54 -22.88 -6.35 7.86
C THR A 54 -22.73 -7.05 9.20
N TYR A 55 -23.85 -7.53 9.75
CA TYR A 55 -23.84 -8.28 10.99
C TYR A 55 -24.94 -9.34 10.94
N PHE A 56 -24.94 -10.22 11.93
CA PHE A 56 -25.96 -11.25 11.97
C PHE A 56 -27.04 -10.82 12.92
N ASP A 57 -28.24 -10.65 12.37
CA ASP A 57 -29.39 -10.26 13.16
C ASP A 57 -30.22 -11.48 13.50
N THR A 58 -30.21 -11.87 14.78
CA THR A 58 -30.89 -13.09 15.22
C THR A 58 -32.40 -13.02 15.08
N GLU A 59 -32.96 -11.81 15.21
CA GLU A 59 -34.40 -11.65 15.09
C GLU A 59 -34.89 -11.97 13.67
N ARG A 60 -33.99 -11.94 12.69
CA ARG A 60 -34.40 -12.19 11.32
C ARG A 60 -34.28 -13.66 10.96
N SER A 61 -33.90 -14.49 11.94
CA SER A 61 -33.75 -15.94 11.75
C SER A 61 -34.80 -16.76 12.50
N SER A 62 -35.51 -17.62 11.77
CA SER A 62 -36.60 -18.37 12.36
C SER A 62 -36.06 -19.62 13.03
N THR A 63 -34.82 -20.00 12.69
CA THR A 63 -34.22 -21.22 13.24
C THR A 63 -33.25 -20.89 14.37
N TYR A 64 -33.00 -19.61 14.63
CA TYR A 64 -32.15 -19.22 15.75
C TYR A 64 -32.76 -19.58 17.11
N ARG A 65 -31.97 -20.15 18.02
CA ARG A 65 -32.46 -20.34 19.36
C ARG A 65 -31.43 -19.78 20.34
N SER A 66 -31.88 -18.90 21.24
CA SER A 66 -31.04 -18.42 22.32
C SER A 66 -30.64 -19.55 23.25
N LYS A 67 -29.44 -19.46 23.82
CA LYS A 67 -29.00 -20.44 24.84
C LYS A 67 -29.06 -19.91 26.25
N GLY A 68 -29.40 -18.65 26.41
CA GLY A 68 -29.78 -18.15 27.72
C GLY A 68 -28.62 -17.78 28.62
N PHE A 69 -27.49 -17.45 27.98
CA PHE A 69 -26.36 -16.83 28.66
C PHE A 69 -25.54 -16.04 27.64
N ASP A 70 -24.85 -15.02 28.10
CA ASP A 70 -23.91 -14.34 27.25
C ASP A 70 -22.48 -14.80 27.59
N VAL A 71 -21.47 -14.35 26.86
CA VAL A 71 -20.09 -14.70 27.19
C VAL A 71 -19.17 -13.49 26.91
N THR A 72 -18.26 -13.20 27.82
CA THR A 72 -17.28 -12.16 27.60
C THR A 72 -15.93 -12.78 27.27
N VAL A 73 -15.32 -12.35 26.16
CA VAL A 73 -13.98 -12.82 25.78
C VAL A 73 -12.99 -11.67 25.79
N LYS A 74 -11.83 -11.86 26.42
CA LYS A 74 -10.72 -10.88 26.40
C LYS A 74 -9.48 -11.44 25.74
N TYR A 75 -8.85 -10.64 24.87
CA TYR A 75 -7.56 -11.00 24.28
C TYR A 75 -6.59 -10.02 24.86
N THR A 76 -5.30 -10.20 24.55
CA THR A 76 -4.26 -9.24 24.89
C THR A 76 -4.64 -7.88 24.33
N GLN A 77 -5.15 -7.88 23.10
CA GLN A 77 -5.68 -6.69 22.48
C GLN A 77 -7.07 -6.97 21.99
N GLY A 78 -8.03 -6.17 22.43
CA GLY A 78 -9.42 -6.39 22.04
C GLY A 78 -10.20 -7.33 22.97
N SER A 79 -11.49 -7.10 23.03
CA SER A 79 -12.36 -7.93 23.82
C SER A 79 -13.78 -7.75 23.35
N TRP A 80 -14.68 -8.63 23.80
CA TRP A 80 -16.09 -8.56 23.37
C TRP A 80 -17.06 -9.35 24.25
N THR A 81 -18.32 -8.92 24.24
CA THR A 81 -19.36 -9.66 24.92
C THR A 81 -20.41 -10.00 23.88
N GLY A 82 -20.83 -11.24 23.85
CA GLY A 82 -21.94 -11.66 22.99
C GLY A 82 -22.92 -12.60 23.67
N PHE A 83 -24.11 -12.69 23.09
CA PHE A 83 -25.15 -13.68 23.45
C PHE A 83 -24.81 -15.03 22.82
N VAL A 84 -24.96 -16.09 23.59
CA VAL A 84 -24.74 -17.44 23.08
C VAL A 84 -26.08 -18.05 22.67
N GLY A 85 -26.12 -18.62 21.48
CA GLY A 85 -27.34 -19.21 20.93
C GLY A 85 -26.90 -20.23 19.91
N GLU A 86 -27.83 -20.82 19.18
CA GLU A 86 -27.45 -21.72 18.13
C GLU A 86 -28.27 -21.44 16.88
N ASP A 87 -27.70 -21.75 15.72
CA ASP A 87 -28.42 -21.62 14.46
C ASP A 87 -27.77 -22.46 13.36
N LEU A 88 -28.48 -22.58 12.26
CA LEU A 88 -28.06 -23.38 11.15
C LEU A 88 -27.01 -22.63 10.34
N VAL A 89 -26.10 -23.36 9.75
CA VAL A 89 -25.03 -22.73 8.99
C VAL A 89 -24.80 -23.50 7.71
N THR A 90 -24.48 -22.77 6.64
CA THR A 90 -24.06 -23.34 5.36
C THR A 90 -22.73 -22.70 4.95
N ILE A 91 -21.83 -23.51 4.41
CA ILE A 91 -20.66 -22.97 3.71
C ILE A 91 -20.83 -23.25 2.20
N PRO A 92 -21.24 -22.24 1.42
CA PRO A 92 -21.56 -22.43 0.00
C PRO A 92 -20.42 -23.12 -0.75
N LYS A 93 -19.23 -22.56 -0.68
CA LYS A 93 -18.05 -23.22 -1.20
C LYS A 93 -17.56 -24.30 -0.22
N GLY A 94 -18.23 -25.47 -0.27
CA GLY A 94 -17.89 -26.64 0.56
C GLY A 94 -19.08 -27.45 1.07
N PHE A 95 -19.74 -26.92 2.09
CA PHE A 95 -20.84 -27.59 2.76
C PHE A 95 -22.17 -26.88 2.57
N ASN A 96 -22.85 -27.25 1.48
CA ASN A 96 -24.17 -26.73 1.14
C ASN A 96 -25.27 -27.52 1.82
N THR A 97 -24.93 -28.11 2.96
CA THR A 97 -25.93 -28.77 3.80
C THR A 97 -25.87 -28.16 5.18
N SER A 98 -27.04 -27.90 5.76
CA SER A 98 -27.16 -27.20 7.03
C SER A 98 -26.70 -28.06 8.18
N PHE A 99 -25.89 -27.48 9.04
CA PHE A 99 -25.60 -28.10 10.31
C PHE A 99 -25.82 -27.02 11.36
N LEU A 100 -26.17 -27.48 12.54
CA LEU A 100 -26.53 -26.58 13.60
C LEU A 100 -25.28 -26.42 14.46
N VAL A 101 -24.94 -25.17 14.74
CA VAL A 101 -23.75 -24.82 15.53
C VAL A 101 -24.04 -23.79 16.64
N ASN A 102 -23.23 -23.83 17.69
CA ASN A 102 -23.18 -22.73 18.65
C ASN A 102 -22.67 -21.47 18.00
N ILE A 103 -23.21 -20.34 18.45
CA ILE A 103 -22.82 -19.05 17.93
C ILE A 103 -22.94 -17.95 18.99
N ALA A 104 -21.93 -17.08 19.01
CA ALA A 104 -21.90 -15.92 19.88
C ALA A 104 -22.15 -14.65 19.04
N THR A 105 -23.21 -13.91 19.39
CA THR A 105 -23.50 -12.67 18.66
C THR A 105 -23.11 -11.48 19.50
N ILE A 106 -22.12 -10.73 18.97
CA ILE A 106 -21.43 -9.66 19.66
C ILE A 106 -22.29 -8.38 19.71
N PHE A 107 -22.50 -7.85 20.90
CA PHE A 107 -23.28 -6.65 21.00
C PHE A 107 -22.47 -5.56 21.72
N GLU A 108 -21.29 -5.91 22.21
CA GLU A 108 -20.37 -4.96 22.84
C GLU A 108 -18.96 -5.44 22.58
N SER A 109 -18.06 -4.53 22.19
CA SER A 109 -16.66 -4.90 21.91
C SER A 109 -15.77 -3.68 21.98
N GLU A 110 -14.46 -3.90 21.93
CA GLU A 110 -13.49 -2.84 22.01
C GLU A 110 -12.25 -3.33 21.25
N ASN A 111 -11.78 -2.53 20.29
CA ASN A 111 -10.56 -2.85 19.53
C ASN A 111 -10.59 -4.27 18.97
N PHE A 112 -11.75 -4.67 18.46
CA PHE A 112 -11.96 -5.98 17.88
C PHE A 112 -12.36 -5.83 16.42
N PHE A 113 -13.33 -4.98 16.13
CA PHE A 113 -13.62 -4.64 14.75
C PHE A 113 -12.79 -3.40 14.39
N LEU A 114 -11.79 -3.57 13.53
CA LEU A 114 -10.83 -2.52 13.23
C LEU A 114 -11.16 -1.86 11.88
N PRO A 115 -10.83 -0.56 11.70
CA PRO A 115 -11.11 0.09 10.40
C PRO A 115 -10.48 -0.65 9.22
N GLY A 116 -11.24 -0.85 8.15
CA GLY A 116 -10.69 -1.46 6.94
C GLY A 116 -10.75 -2.97 6.88
N ILE A 117 -10.97 -3.61 8.03
CA ILE A 117 -11.07 -5.07 8.08
C ILE A 117 -12.36 -5.53 7.40
N LYS A 118 -12.33 -6.67 6.71
CA LYS A 118 -13.46 -7.08 5.88
C LYS A 118 -14.23 -8.27 6.48
N TRP A 119 -13.65 -8.93 7.48
CA TRP A 119 -14.37 -9.98 8.20
C TRP A 119 -15.27 -9.36 9.26
N ASN A 120 -16.39 -10.02 9.56
CA ASN A 120 -17.29 -9.58 10.63
C ASN A 120 -17.62 -10.69 11.64
N GLY A 121 -16.81 -11.74 11.59
CA GLY A 121 -16.85 -12.75 12.61
C GLY A 121 -15.62 -13.60 12.51
N ILE A 122 -15.55 -14.58 13.39
CA ILE A 122 -14.38 -15.41 13.54
C ILE A 122 -14.81 -16.85 13.70
N LEU A 123 -14.08 -17.75 13.04
CA LEU A 123 -14.32 -19.18 13.12
C LEU A 123 -13.15 -19.78 13.87
N GLY A 124 -13.38 -20.13 15.12
CA GLY A 124 -12.30 -20.72 15.92
C GLY A 124 -12.25 -22.22 15.79
N LEU A 125 -11.12 -22.71 15.28
CA LEU A 125 -10.93 -24.08 14.86
C LEU A 125 -10.03 -24.89 15.78
N ALA A 126 -9.71 -24.35 16.95
CA ALA A 126 -8.89 -25.08 17.92
C ALA A 126 -9.74 -25.97 18.81
N TYR A 127 -9.15 -26.53 19.86
CA TYR A 127 -9.85 -27.49 20.72
C TYR A 127 -10.83 -26.90 21.74
N ALA A 128 -11.76 -27.73 22.19
CA ALA A 128 -12.77 -27.35 23.17
C ALA A 128 -12.20 -26.70 24.43
N THR A 129 -11.00 -27.13 24.87
CA THR A 129 -10.42 -26.58 26.11
C THR A 129 -10.26 -25.06 26.07
N LEU A 130 -10.23 -24.45 24.89
CA LEU A 130 -10.14 -23.00 24.81
C LEU A 130 -11.50 -22.34 24.66
N ALA A 131 -12.56 -23.14 24.54
CA ALA A 131 -13.90 -22.60 24.32
C ALA A 131 -14.37 -21.78 25.51
N LYS A 132 -15.04 -20.69 25.21
CA LYS A 132 -15.61 -19.83 26.22
C LYS A 132 -17.12 -19.89 26.11
N PRO A 133 -17.83 -19.95 27.26
CA PRO A 133 -17.29 -19.80 28.63
C PRO A 133 -16.56 -21.01 29.18
N SER A 134 -16.70 -22.16 28.55
CA SER A 134 -16.09 -23.38 29.02
C SER A 134 -16.08 -24.36 27.87
N SER A 135 -15.35 -25.44 28.05
CA SER A 135 -15.20 -26.46 27.02
C SER A 135 -16.50 -27.15 26.66
N SER A 136 -17.55 -26.97 27.46
CA SER A 136 -18.80 -27.65 27.15
C SER A 136 -19.57 -26.91 26.04
N LEU A 137 -19.15 -25.70 25.69
CA LEU A 137 -19.75 -25.06 24.50
C LEU A 137 -19.11 -25.71 23.29
N GLU A 138 -19.78 -26.70 22.71
CA GLU A 138 -19.22 -27.42 21.53
C GLU A 138 -18.72 -26.47 20.42
N THR A 139 -17.56 -26.79 19.87
CA THR A 139 -16.94 -25.94 18.84
C THR A 139 -17.58 -26.23 17.46
N PHE A 140 -17.49 -25.25 16.58
CA PHE A 140 -18.03 -25.38 15.24
C PHE A 140 -17.54 -26.67 14.56
N PHE A 141 -16.24 -26.91 14.53
CA PHE A 141 -15.76 -28.09 13.83
C PHE A 141 -16.24 -29.40 14.45
N ASP A 142 -16.24 -29.47 15.77
CA ASP A 142 -16.82 -30.62 16.42
C ASP A 142 -18.32 -30.88 16.06
N SER A 143 -19.11 -29.82 15.95
CA SER A 143 -20.48 -29.98 15.47
C SER A 143 -20.52 -30.51 14.03
N LEU A 144 -19.61 -30.02 13.20
CA LEU A 144 -19.62 -30.44 11.79
C LEU A 144 -19.24 -31.92 11.70
N VAL A 145 -18.28 -32.34 12.52
CA VAL A 145 -17.76 -33.69 12.45
C VAL A 145 -18.86 -34.64 12.80
N THR A 146 -19.48 -34.44 13.98
CA THR A 146 -20.66 -35.17 14.43
C THR A 146 -21.80 -35.20 13.41
N GLN A 147 -22.32 -34.04 13.02
CA GLN A 147 -23.51 -34.00 12.15
C GLN A 147 -23.30 -34.48 10.70
N ALA A 148 -22.11 -34.30 10.16
CA ALA A 148 -21.85 -34.64 8.75
C ALA A 148 -21.12 -35.96 8.54
N ASN A 149 -20.80 -36.65 9.64
N ASN A 149 -20.74 -36.60 9.66
CA ASN A 149 -19.90 -37.80 9.59
CA ASN A 149 -19.87 -37.81 9.71
C ASN A 149 -18.75 -37.55 8.63
C ASN A 149 -18.50 -37.72 9.04
N ILE A 150 -17.98 -36.51 8.90
CA ILE A 150 -16.72 -36.28 8.14
C ILE A 150 -15.51 -36.59 9.01
N PRO A 151 -14.36 -36.92 8.40
CA PRO A 151 -13.23 -37.19 9.28
C PRO A 151 -12.82 -35.93 10.05
N ASN A 152 -12.22 -36.15 11.20
CA ASN A 152 -11.79 -35.11 12.11
C ASN A 152 -10.43 -34.52 11.72
N VAL A 153 -10.36 -33.97 10.52
CA VAL A 153 -9.14 -33.41 9.96
C VAL A 153 -9.58 -32.18 9.19
N PHE A 154 -8.82 -31.11 9.29
CA PHE A 154 -8.96 -30.04 8.30
C PHE A 154 -7.59 -29.60 7.81
N SER A 155 -7.54 -28.89 6.69
CA SER A 155 -6.28 -28.44 6.16
C SER A 155 -6.49 -27.11 5.49
N MET A 156 -5.39 -26.43 5.16
CA MET A 156 -5.38 -25.01 4.76
C MET A 156 -4.21 -24.69 3.84
N GLN A 157 -4.53 -24.14 2.67
CA GLN A 157 -3.56 -23.59 1.75
C GLN A 157 -3.82 -22.08 1.76
N MET A 158 -2.83 -21.31 2.17
CA MET A 158 -2.93 -19.87 2.06
C MET A 158 -2.00 -19.38 0.93
N CYS A 159 -2.56 -18.72 -0.07
CA CYS A 159 -1.81 -18.39 -1.28
C CYS A 159 -1.41 -16.91 -1.42
N GLY A 160 -1.32 -16.18 -0.31
CA GLY A 160 -1.13 -14.75 -0.41
C GLY A 160 0.25 -14.24 -0.07
N ALA A 161 1.28 -15.06 -0.28
CA ALA A 161 2.68 -14.64 -0.08
C ALA A 161 3.05 -13.50 -1.02
N GLY A 162 3.71 -12.46 -0.47
CA GLY A 162 4.03 -11.23 -1.19
C GLY A 162 2.94 -10.18 -0.99
N ASN A 171 -6.44 -11.68 -2.69
CA ASN A 171 -5.85 -12.93 -3.17
C ASN A 171 -5.78 -14.00 -2.05
N GLY A 172 -6.30 -15.20 -2.32
CA GLY A 172 -6.69 -16.12 -1.25
C GLY A 172 -6.12 -17.53 -1.08
N GLY A 173 -7.01 -18.53 -0.98
CA GLY A 173 -6.60 -19.90 -0.72
C GLY A 173 -7.75 -20.84 -0.39
N SER A 174 -7.45 -21.89 0.38
CA SER A 174 -8.39 -22.99 0.57
C SER A 174 -8.44 -23.52 1.99
N LEU A 175 -9.66 -23.71 2.49
CA LEU A 175 -9.90 -24.47 3.71
C LEU A 175 -10.62 -25.79 3.35
N VAL A 176 -9.98 -26.92 3.65
CA VAL A 176 -10.56 -28.20 3.38
C VAL A 176 -11.04 -28.83 4.66
N LEU A 177 -12.35 -28.89 4.81
CA LEU A 177 -12.96 -29.45 5.98
C LEU A 177 -13.20 -30.93 5.80
N GLY A 178 -12.59 -31.73 6.65
CA GLY A 178 -12.83 -33.16 6.64
C GLY A 178 -11.78 -33.91 5.86
N GLY A 179 -10.63 -33.31 5.65
CA GLY A 179 -9.60 -34.00 4.94
C GLY A 179 -8.55 -33.17 4.23
N ILE A 180 -7.95 -33.82 3.23
CA ILE A 180 -6.69 -33.40 2.60
C ILE A 180 -6.89 -33.36 1.07
N GLU A 181 -6.36 -32.35 0.39
CA GLU A 181 -6.59 -32.28 -1.05
C GLU A 181 -5.28 -32.36 -1.80
N PRO A 182 -5.06 -33.46 -2.54
CA PRO A 182 -3.76 -33.78 -3.16
C PRO A 182 -3.22 -32.70 -4.06
N SER A 183 -4.10 -32.03 -4.79
CA SER A 183 -3.68 -30.93 -5.69
C SER A 183 -3.17 -29.68 -4.95
N LEU A 184 -3.30 -29.68 -3.62
CA LEU A 184 -2.95 -28.51 -2.84
C LEU A 184 -1.52 -28.57 -2.35
N TYR A 185 -0.90 -29.74 -2.44
CA TYR A 185 0.48 -29.88 -2.05
C TYR A 185 1.29 -30.66 -3.08
N LYS A 186 2.57 -30.79 -2.79
CA LYS A 186 3.53 -31.37 -3.68
C LYS A 186 4.54 -32.13 -2.78
N GLY A 187 5.09 -33.25 -3.26
CA GLY A 187 6.06 -34.04 -2.48
C GLY A 187 5.48 -34.69 -1.22
N ASP A 188 6.33 -34.99 -0.25
CA ASP A 188 5.93 -35.65 0.98
C ASP A 188 5.27 -34.74 2.03
N ILE A 189 4.34 -35.30 2.78
CA ILE A 189 3.83 -34.67 3.99
C ILE A 189 4.67 -35.11 5.16
N TRP A 190 5.09 -34.14 5.97
CA TRP A 190 5.79 -34.42 7.23
C TRP A 190 4.86 -34.08 8.40
N TYR A 191 4.77 -34.96 9.39
CA TYR A 191 3.88 -34.74 10.54
C TYR A 191 4.63 -34.55 11.84
N THR A 192 4.18 -33.59 12.65
CA THR A 192 4.70 -33.43 14.01
C THR A 192 3.55 -33.61 15.02
N PRO A 193 3.79 -34.31 16.13
CA PRO A 193 2.72 -34.52 17.10
C PRO A 193 2.20 -33.25 17.73
N ILE A 194 0.89 -33.21 17.98
CA ILE A 194 0.34 -32.19 18.81
C ILE A 194 0.67 -32.55 20.27
N LYS A 195 1.24 -31.64 21.02
CA LYS A 195 1.65 -31.99 22.37
C LYS A 195 0.54 -31.76 23.37
N GLU A 196 -0.35 -30.83 23.08
CA GLU A 196 -1.44 -30.56 23.96
C GLU A 196 -2.59 -30.07 23.09
N GLU A 197 -3.77 -30.60 23.40
CA GLU A 197 -4.97 -30.31 22.64
C GLU A 197 -5.70 -29.14 23.25
N TRP A 198 -5.16 -27.96 23.01
CA TRP A 198 -5.84 -26.74 23.33
C TRP A 198 -5.65 -25.85 22.09
N TYR A 199 -4.52 -25.16 22.00
CA TYR A 199 -3.96 -24.67 20.74
C TYR A 199 -3.47 -25.87 19.97
N TYR A 200 -3.06 -25.67 18.73
CA TYR A 200 -2.28 -26.63 18.01
C TYR A 200 -0.82 -26.46 18.47
N GLN A 201 -0.50 -27.03 19.62
CA GLN A 201 0.83 -26.89 20.18
C GLN A 201 1.71 -27.97 19.62
N ILE A 202 2.86 -27.56 19.08
CA ILE A 202 3.79 -28.52 18.53
C ILE A 202 5.14 -28.32 19.18
N GLU A 203 6.04 -29.28 19.01
CA GLU A 203 7.36 -29.23 19.64
C GLU A 203 8.49 -28.74 18.69
N ILE A 204 9.01 -27.55 18.95
CA ILE A 204 10.12 -26.97 18.16
C ILE A 204 11.46 -27.37 18.79
N LEU A 205 12.39 -27.90 18.00
CA LEU A 205 13.66 -28.41 18.53
C LEU A 205 14.88 -27.52 18.31
N LYS A 206 14.81 -26.64 17.33
CA LYS A 206 16.01 -25.93 16.88
C LYS A 206 15.59 -24.85 15.87
N LEU A 207 16.21 -23.66 15.97
CA LEU A 207 16.09 -22.61 14.95
C LEU A 207 17.41 -22.47 14.26
N GLU A 208 17.41 -22.28 12.96
CA GLU A 208 18.65 -22.20 12.25
C GLU A 208 18.60 -20.96 11.36
N ILE A 209 19.64 -20.12 11.42
CA ILE A 209 19.70 -18.92 10.62
C ILE A 209 20.85 -19.07 9.65
N GLY A 210 20.55 -18.90 8.37
CA GLY A 210 21.55 -19.08 7.32
C GLY A 210 22.41 -20.30 7.50
N GLY A 211 21.84 -21.40 8.00
CA GLY A 211 22.60 -22.64 8.19
C GLY A 211 23.30 -22.79 9.54
N GLN A 212 23.27 -21.75 10.38
CA GLN A 212 23.85 -21.86 11.70
C GLN A 212 22.76 -21.86 12.77
N SER A 213 22.82 -22.81 13.69
CA SER A 213 21.78 -22.86 14.69
C SER A 213 21.98 -21.82 15.78
N LEU A 214 20.89 -21.26 16.28
CA LEU A 214 20.90 -20.41 17.46
C LEU A 214 21.48 -21.16 18.64
N ASN A 215 22.10 -20.42 19.55
CA ASN A 215 22.76 -20.98 20.69
C ASN A 215 21.85 -20.87 21.90
N LEU A 216 20.73 -21.59 21.86
CA LEU A 216 19.74 -21.51 22.91
C LEU A 216 19.18 -22.88 23.22
N ASP A 217 18.99 -23.13 24.51
CA ASP A 217 18.28 -24.31 24.98
C ASP A 217 16.95 -24.44 24.22
N CYS A 218 16.65 -25.66 23.75
CA CYS A 218 15.44 -25.91 23.01
C CYS A 218 14.16 -25.57 23.83
N ARG A 219 14.24 -25.58 25.15
CA ARG A 219 13.11 -25.17 25.97
C ARG A 219 12.70 -23.69 25.79
N GLU A 220 13.64 -22.83 25.41
CA GLU A 220 13.30 -21.45 25.07
C GLU A 220 12.27 -21.39 23.93
N TYR A 221 12.31 -22.36 23.04
CA TYR A 221 11.43 -22.30 21.87
C TYR A 221 10.01 -22.71 22.20
N ASN A 222 9.82 -23.28 23.38
CA ASN A 222 8.53 -23.78 23.81
C ASN A 222 8.24 -23.10 25.13
N ALA A 223 8.81 -21.91 25.28
CA ALA A 223 8.69 -21.10 26.48
C ALA A 223 7.23 -20.69 26.62
N ASP A 224 6.54 -21.45 27.47
CA ASP A 224 5.10 -21.63 27.47
C ASP A 224 4.67 -22.63 26.39
N LYS A 225 4.64 -22.20 25.13
CA LYS A 225 4.05 -23.00 24.05
C LYS A 225 4.50 -22.54 22.66
N ALA A 226 4.65 -23.48 21.76
CA ALA A 226 4.86 -23.18 20.34
C ALA A 226 3.62 -23.66 19.59
N ILE A 227 2.98 -22.79 18.82
CA ILE A 227 1.65 -23.07 18.26
C ILE A 227 1.51 -22.64 16.81
N VAL A 228 0.61 -23.29 16.09
CA VAL A 228 0.32 -22.95 14.68
C VAL A 228 -1.00 -22.21 14.66
N ASP A 229 -0.96 -20.94 14.29
CA ASP A 229 -2.14 -20.07 14.49
C ASP A 229 -2.43 -19.22 13.27
N SER A 230 -3.48 -19.56 12.52
CA SER A 230 -3.80 -18.80 11.30
C SER A 230 -4.37 -17.42 11.62
N GLY A 231 -4.64 -17.15 12.89
CA GLY A 231 -5.21 -15.88 13.27
C GLY A 231 -4.17 -14.89 13.77
N THR A 232 -2.90 -15.22 13.56
CA THR A 232 -1.76 -14.35 13.87
C THR A 232 -1.07 -14.02 12.56
N THR A 233 -0.72 -12.76 12.38
CA THR A 233 -0.05 -12.34 11.15
C THR A 233 1.42 -12.79 11.03
N LEU A 234 2.24 -12.38 11.97
CA LEU A 234 3.67 -12.56 11.82
C LEU A 234 4.10 -13.88 12.44
N LEU A 235 5.35 -14.25 12.22
CA LEU A 235 5.99 -15.24 13.05
C LEU A 235 6.29 -14.52 14.37
N ARG A 236 5.76 -15.03 15.47
CA ARG A 236 6.03 -14.42 16.76
C ARG A 236 6.94 -15.32 17.60
N LEU A 237 7.84 -14.68 18.33
CA LEU A 237 8.90 -15.37 19.04
C LEU A 237 9.01 -14.76 20.42
N PRO A 238 9.23 -15.60 21.44
CA PRO A 238 9.45 -15.07 22.78
C PRO A 238 10.65 -14.11 22.81
N GLN A 239 10.58 -13.12 23.69
CA GLN A 239 11.56 -12.06 23.68
C GLN A 239 13.00 -12.57 23.54
N LYS A 240 13.41 -13.48 24.40
CA LYS A 240 14.75 -13.99 24.35
C LYS A 240 15.11 -14.51 22.96
N VAL A 241 14.18 -15.29 22.38
CA VAL A 241 14.38 -15.92 21.09
C VAL A 241 14.33 -14.85 20.01
N PHE A 242 13.39 -13.90 20.10
CA PHE A 242 13.34 -12.80 19.16
C PHE A 242 14.67 -12.02 19.09
N ASP A 243 15.23 -11.67 20.24
CA ASP A 243 16.48 -10.92 20.32
C ASP A 243 17.66 -11.70 19.71
N ALA A 244 17.69 -13.01 19.91
CA ALA A 244 18.78 -13.81 19.34
C ALA A 244 18.64 -13.89 17.82
N VAL A 245 17.40 -13.95 17.35
CA VAL A 245 17.14 -14.05 15.91
C VAL A 245 17.50 -12.76 15.20
N VAL A 246 17.08 -11.64 15.77
CA VAL A 246 17.48 -10.35 15.27
C VAL A 246 19.04 -10.28 15.13
N GLU A 247 19.81 -10.62 16.18
CA GLU A 247 21.27 -10.57 16.03
C GLU A 247 21.80 -11.46 14.91
N ALA A 248 21.14 -12.61 14.71
CA ALA A 248 21.67 -13.60 13.79
C ALA A 248 21.34 -13.17 12.37
N VAL A 249 20.18 -12.56 12.20
CA VAL A 249 19.78 -12.05 10.88
C VAL A 249 20.67 -10.87 10.51
N ALA A 250 20.80 -9.90 11.43
CA ALA A 250 21.56 -8.69 11.17
C ALA A 250 22.98 -8.99 10.75
N ARG A 251 23.63 -9.90 11.48
CA ARG A 251 25.02 -10.24 11.26
C ARG A 251 25.17 -10.98 9.96
N ALA A 252 24.16 -11.76 9.58
CA ALA A 252 24.27 -12.61 8.41
C ALA A 252 23.93 -11.87 7.12
N SER A 253 23.51 -10.61 7.21
CA SER A 253 23.19 -9.77 6.02
C SER A 253 24.05 -8.50 5.83
N LEU A 254 24.35 -7.80 6.95
CA LEU A 254 25.29 -6.63 7.07
C LEU A 254 24.93 -5.28 6.41
N ILE A 255 23.67 -5.09 6.07
CA ILE A 255 23.23 -3.85 5.43
C ILE A 255 23.18 -2.69 6.45
N PHE A 258 21.85 -1.62 9.57
CA PHE A 258 20.42 -1.42 9.79
C PHE A 258 20.11 -0.47 10.92
N SER A 259 19.09 0.36 10.72
CA SER A 259 18.55 1.16 11.81
C SER A 259 17.85 0.24 12.80
N ASP A 260 17.90 0.60 14.08
CA ASP A 260 17.29 -0.16 15.15
C ASP A 260 15.80 -0.39 14.92
N GLY A 261 15.14 0.59 14.29
CA GLY A 261 13.70 0.59 14.09
C GLY A 261 13.18 -0.39 13.07
N PHE A 262 14.07 -0.98 12.29
CA PHE A 262 13.62 -1.93 11.29
C PHE A 262 13.16 -3.21 12.01
N TRP A 263 13.96 -3.66 12.97
CA TRP A 263 13.66 -4.87 13.71
C TRP A 263 12.44 -4.78 14.61
N THR A 264 12.05 -3.58 15.05
CA THR A 264 10.89 -3.47 15.96
C THR A 264 9.62 -3.09 15.20
N GLY A 265 9.75 -2.85 13.90
CA GLY A 265 8.58 -2.60 13.06
C GLY A 265 8.18 -1.14 13.05
N SER A 266 9.08 -0.26 13.49
CA SER A 266 8.79 1.17 13.58
C SER A 266 9.39 1.94 12.41
N GLN A 267 10.19 1.25 11.60
CA GLN A 267 10.63 1.80 10.33
C GLN A 267 10.56 0.76 9.23
N LEU A 268 10.32 1.21 8.00
CA LEU A 268 10.41 0.30 6.87
C LEU A 268 11.68 0.59 6.12
N ALA A 269 12.24 -0.40 5.46
CA ALA A 269 13.44 -0.18 4.67
C ALA A 269 13.07 -0.14 3.20
N CYS A 270 13.52 0.89 2.49
CA CYS A 270 13.16 1.02 1.07
C CYS A 270 14.38 0.86 0.20
N TRP A 271 14.21 0.13 -0.90
CA TRP A 271 15.35 -0.22 -1.77
C TRP A 271 15.21 0.23 -3.24
N THR A 276 16.18 -6.96 -5.88
CA THR A 276 15.57 -7.01 -4.56
C THR A 276 16.60 -7.29 -3.45
N PRO A 277 16.29 -6.88 -2.21
CA PRO A 277 17.01 -7.18 -0.98
C PRO A 277 17.07 -8.65 -0.59
N TRP A 278 16.15 -9.48 -1.10
CA TRP A 278 16.02 -10.86 -0.65
C TRP A 278 17.33 -11.65 -0.64
N SER A 279 18.15 -11.42 -1.66
CA SER A 279 19.45 -12.10 -1.76
C SER A 279 20.44 -11.65 -0.67
N TYR A 280 20.13 -10.55 0.01
CA TYR A 280 20.97 -10.06 1.11
C TYR A 280 20.67 -10.75 2.47
N PHE A 281 19.52 -11.41 2.60
CA PHE A 281 19.13 -12.02 3.86
C PHE A 281 19.25 -13.54 3.84
N PRO A 282 19.40 -14.19 5.04
CA PRO A 282 19.51 -15.64 5.13
C PRO A 282 18.16 -16.39 5.24
N LYS A 283 18.19 -17.69 4.99
CA LYS A 283 17.07 -18.58 5.28
C LYS A 283 16.92 -18.75 6.78
N ILE A 284 15.70 -18.96 7.24
CA ILE A 284 15.45 -19.30 8.63
C ILE A 284 14.71 -20.66 8.68
N SER A 285 15.29 -21.60 9.41
CA SER A 285 14.73 -22.94 9.49
C SER A 285 14.20 -23.22 10.87
N ILE A 286 13.01 -23.83 10.91
CA ILE A 286 12.44 -24.33 12.15
C ILE A 286 12.47 -25.85 12.08
N TYR A 287 13.17 -26.48 13.03
CA TYR A 287 13.15 -27.95 13.18
C TYR A 287 12.01 -28.40 14.07
N LEU A 288 11.24 -29.37 13.59
CA LEU A 288 10.11 -29.96 14.33
C LEU A 288 10.29 -31.46 14.54
N ARG A 289 9.92 -31.94 15.74
CA ARG A 289 10.00 -33.36 16.01
C ARG A 289 9.06 -34.16 15.12
N ASP A 290 9.56 -35.26 14.57
CA ASP A 290 8.76 -36.06 13.67
C ASP A 290 7.93 -37.04 14.52
N GLU A 291 6.86 -37.60 13.95
CA GLU A 291 6.06 -38.60 14.67
C GLU A 291 6.90 -39.76 15.22
N ASN A 292 7.94 -40.17 14.49
CA ASN A 292 9.03 -40.93 15.10
C ASN A 292 10.00 -39.97 15.83
N SER A 293 10.12 -40.13 17.16
CA SER A 293 10.75 -39.13 18.01
C SER A 293 12.25 -39.01 17.82
N SER A 294 12.80 -39.99 17.12
CA SER A 294 14.23 -40.07 16.94
C SER A 294 14.68 -39.31 15.69
N ARG A 295 13.71 -38.79 14.95
CA ARG A 295 14.04 -37.88 13.85
C ARG A 295 13.27 -36.55 13.93
N SER A 296 13.61 -35.64 13.02
CA SER A 296 12.95 -34.36 12.90
C SER A 296 12.88 -34.02 11.43
N PHE A 297 12.17 -32.96 11.12
CA PHE A 297 12.14 -32.40 9.78
C PHE A 297 12.21 -30.88 9.98
N ARG A 298 12.52 -30.13 8.93
CA ARG A 298 12.53 -28.67 9.08
C ARG A 298 11.65 -27.96 8.04
N ILE A 299 11.02 -26.90 8.52
CA ILE A 299 10.42 -25.94 7.63
C ILE A 299 11.30 -24.68 7.62
N THR A 300 11.53 -24.17 6.41
CA THR A 300 12.42 -23.09 6.12
C THR A 300 11.64 -21.98 5.41
N ILE A 301 11.80 -20.76 5.88
CA ILE A 301 11.28 -19.60 5.16
C ILE A 301 12.44 -18.79 4.58
N LEU A 302 12.24 -18.32 3.36
CA LEU A 302 13.26 -17.53 2.66
C LEU A 302 12.92 -16.07 2.94
N PRO A 303 13.86 -15.16 2.70
CA PRO A 303 13.65 -13.75 2.97
C PRO A 303 12.34 -13.24 2.36
N GLN A 304 11.92 -13.85 1.27
CA GLN A 304 10.64 -13.50 0.63
C GLN A 304 9.44 -13.51 1.58
N LEU A 305 9.42 -14.39 2.57
CA LEU A 305 8.31 -14.42 3.53
C LEU A 305 8.45 -13.50 4.73
N TYR A 306 9.68 -13.23 5.18
CA TYR A 306 9.86 -12.42 6.38
C TYR A 306 10.41 -10.99 6.16
N ILE A 307 10.78 -10.69 4.92
CA ILE A 307 11.16 -9.31 4.53
C ILE A 307 10.08 -8.91 3.57
N GLN A 308 9.06 -8.24 4.09
CA GLN A 308 7.80 -8.16 3.38
C GLN A 308 7.59 -6.83 2.71
N PRO A 309 7.40 -6.84 1.38
CA PRO A 309 7.02 -5.65 0.63
C PRO A 309 5.66 -5.13 1.09
N MET A 310 5.52 -3.82 1.28
CA MET A 310 4.24 -3.31 1.81
C MET A 310 3.29 -2.66 0.78
N MET A 311 3.83 -2.11 -0.29
CA MET A 311 3.03 -1.37 -1.27
C MET A 311 2.57 -2.22 -2.46
N TYR A 317 10.69 -0.17 -7.31
CA TYR A 317 11.10 -0.05 -5.91
C TYR A 317 9.97 -0.41 -4.92
N GLU A 318 10.35 -0.73 -3.68
CA GLU A 318 9.43 -1.21 -2.65
C GLU A 318 9.96 -0.85 -1.25
N CYS A 319 9.09 -0.88 -0.25
CA CYS A 319 9.50 -0.66 1.13
C CYS A 319 9.11 -1.88 1.96
N TYR A 320 9.99 -2.28 2.91
CA TYR A 320 9.86 -3.60 3.55
C TYR A 320 9.74 -3.58 5.05
N ARG A 321 8.92 -4.49 5.54
CA ARG A 321 8.71 -4.70 6.96
C ARG A 321 9.42 -6.00 7.35
N PHE A 322 9.99 -6.03 8.55
CA PHE A 322 10.44 -7.27 9.17
C PHE A 322 9.22 -8.09 9.61
N GLY A 323 9.05 -9.28 9.05
CA GLY A 323 7.87 -10.09 9.33
C GLY A 323 7.94 -11.01 10.54
N ILE A 324 8.73 -10.61 11.54
CA ILE A 324 8.88 -11.34 12.81
C ILE A 324 8.74 -10.33 13.94
N SER A 325 8.07 -10.72 15.02
CA SER A 325 7.87 -9.81 16.14
C SER A 325 7.94 -10.57 17.48
N PRO A 326 8.19 -9.83 18.59
CA PRO A 326 8.29 -10.50 19.88
C PRO A 326 6.93 -10.84 20.48
N SER A 327 6.93 -11.85 21.30
CA SER A 327 5.76 -12.32 22.04
C SER A 327 6.18 -12.42 23.50
N THR A 328 5.27 -12.12 24.41
CA THR A 328 5.59 -12.33 25.83
C THR A 328 5.63 -13.82 26.23
N ASN A 329 4.89 -14.66 25.53
CA ASN A 329 4.61 -16.00 26.06
C ASN A 329 4.60 -17.18 25.09
N ALA A 330 4.54 -16.93 23.81
CA ALA A 330 4.39 -18.04 22.88
C ALA A 330 5.26 -17.86 21.63
N LEU A 331 5.72 -18.99 21.10
CA LEU A 331 6.20 -18.97 19.74
C LEU A 331 4.99 -19.27 18.85
N VAL A 332 4.65 -18.32 18.00
CA VAL A 332 3.49 -18.46 17.14
C VAL A 332 3.89 -18.55 15.67
N ILE A 333 3.67 -19.72 15.08
CA ILE A 333 3.79 -19.92 13.64
C ILE A 333 2.51 -19.40 13.00
N GLY A 334 2.57 -18.14 12.61
CA GLY A 334 1.40 -17.39 12.17
C GLY A 334 1.12 -17.48 10.68
N ALA A 335 0.18 -16.66 10.22
CA ALA A 335 -0.30 -16.81 8.87
C ALA A 335 0.80 -16.54 7.85
N THR A 336 1.73 -15.64 8.16
CA THR A 336 2.83 -15.38 7.22
C THR A 336 3.69 -16.61 6.99
N VAL A 337 3.96 -17.41 8.03
CA VAL A 337 4.71 -18.64 7.81
C VAL A 337 3.85 -19.69 7.10
N MET A 338 2.57 -19.76 7.45
CA MET A 338 1.67 -20.77 6.84
C MET A 338 1.49 -20.55 5.35
N GLU A 339 1.66 -19.31 4.90
CA GLU A 339 1.66 -19.00 3.47
C GLU A 339 2.81 -19.70 2.74
N GLY A 340 3.70 -20.32 3.49
CA GLY A 340 4.77 -21.06 2.84
C GLY A 340 4.46 -22.52 2.63
N PHE A 341 3.29 -23.00 3.08
CA PHE A 341 3.00 -24.44 3.04
C PHE A 341 1.53 -24.80 2.93
N TYR A 342 1.28 -26.07 2.63
CA TYR A 342 0.01 -26.73 2.90
C TYR A 342 0.09 -27.28 4.33
N VAL A 343 -0.87 -26.94 5.17
CA VAL A 343 -0.82 -27.32 6.58
C VAL A 343 -2.03 -28.16 6.93
N ILE A 344 -1.79 -29.30 7.56
CA ILE A 344 -2.81 -30.29 7.87
C ILE A 344 -3.01 -30.41 9.37
N PHE A 345 -4.23 -30.12 9.81
CA PHE A 345 -4.57 -30.18 11.22
C PHE A 345 -5.33 -31.47 11.44
N ASP A 346 -4.57 -32.52 11.73
CA ASP A 346 -5.07 -33.88 11.86
C ASP A 346 -5.41 -34.15 13.31
N ARG A 347 -6.56 -33.62 13.72
CA ARG A 347 -7.11 -33.84 15.03
C ARG A 347 -7.23 -35.33 15.35
N ALA A 348 -7.67 -36.14 14.38
CA ALA A 348 -7.90 -37.57 14.65
C ALA A 348 -6.62 -38.28 15.04
N GLN A 349 -5.51 -37.92 14.42
CA GLN A 349 -4.29 -38.63 14.75
C GLN A 349 -3.34 -37.80 15.61
N LYS A 350 -3.86 -36.69 16.14
CA LYS A 350 -3.11 -35.86 17.11
C LYS A 350 -1.76 -35.40 16.50
N ARG A 351 -1.84 -34.83 15.32
CA ARG A 351 -0.65 -34.40 14.62
C ARG A 351 -0.94 -33.22 13.68
N VAL A 352 0.12 -32.44 13.41
CA VAL A 352 0.02 -31.41 12.39
C VAL A 352 0.99 -31.75 11.25
N GLY A 353 0.48 -31.67 10.02
CA GLY A 353 1.26 -31.97 8.84
C GLY A 353 1.67 -30.72 8.07
N PHE A 354 2.79 -30.81 7.37
CA PHE A 354 3.34 -29.72 6.56
C PHE A 354 3.80 -30.28 5.23
N ALA A 355 3.42 -29.64 4.15
CA ALA A 355 3.92 -30.06 2.86
C ALA A 355 4.20 -28.82 2.00
N ALA A 356 5.12 -28.99 1.05
CA ALA A 356 5.41 -27.97 0.06
C ALA A 356 4.14 -27.59 -0.68
N SER A 357 3.94 -26.30 -0.88
CA SER A 357 2.74 -25.82 -1.56
C SER A 357 3.02 -25.17 -2.92
N PRO A 358 2.39 -25.70 -3.99
CA PRO A 358 2.55 -25.15 -5.34
C PRO A 358 2.32 -23.63 -5.41
N CYS A 359 1.36 -23.10 -4.65
CA CYS A 359 1.02 -21.66 -4.71
C CYS A 359 1.89 -20.74 -3.81
N ALA A 360 2.94 -21.29 -3.20
CA ALA A 360 3.80 -20.54 -2.33
C ALA A 360 4.96 -20.02 -3.16
N GLU A 361 4.67 -18.98 -3.93
CA GLU A 361 5.55 -18.48 -4.96
C GLU A 361 5.34 -16.98 -5.12
N ILE A 362 6.43 -16.23 -5.28
CA ILE A 362 6.34 -14.84 -5.69
C ILE A 362 6.96 -14.76 -7.08
N ALA A 363 6.11 -14.51 -8.08
CA ALA A 363 6.50 -14.56 -9.50
C ALA A 363 7.29 -15.82 -9.94
N GLY A 364 6.83 -17.00 -9.50
CA GLY A 364 7.52 -18.25 -9.80
C GLY A 364 8.66 -18.61 -8.84
N ALA A 365 9.12 -17.63 -8.08
CA ALA A 365 10.21 -17.90 -7.16
C ALA A 365 9.61 -18.56 -5.91
N ALA A 366 10.28 -19.61 -5.44
CA ALA A 366 9.95 -20.27 -4.18
C ALA A 366 10.17 -19.29 -3.02
N VAL A 367 9.28 -19.35 -2.03
CA VAL A 367 9.41 -18.55 -0.79
C VAL A 367 9.77 -19.40 0.43
N SER A 368 9.76 -20.72 0.25
CA SER A 368 9.87 -21.63 1.38
C SER A 368 10.39 -23.00 0.95
N GLU A 369 10.84 -23.79 1.92
CA GLU A 369 11.42 -25.14 1.71
C GLU A 369 11.01 -26.04 2.86
N ILE A 370 10.98 -27.34 2.60
CA ILE A 370 10.72 -28.32 3.63
C ILE A 370 11.59 -29.53 3.35
N SER A 371 12.22 -30.07 4.39
CA SER A 371 13.05 -31.25 4.17
C SER A 371 13.19 -32.08 5.43
N GLY A 372 13.54 -33.34 5.22
CA GLY A 372 13.86 -34.27 6.29
C GLY A 372 14.17 -35.68 5.78
N PRO A 373 14.57 -36.58 6.70
CA PRO A 373 14.63 -36.39 8.14
C PRO A 373 16.03 -36.02 8.63
N PHE A 374 16.15 -35.72 9.92
CA PHE A 374 17.42 -35.44 10.54
C PHE A 374 17.39 -36.14 11.87
N SER A 375 18.55 -36.57 12.33
CA SER A 375 18.70 -37.17 13.63
C SER A 375 18.38 -36.18 14.76
N THR A 376 17.83 -36.69 15.87
CA THR A 376 17.54 -35.90 17.07
C THR A 376 18.41 -36.31 18.27
N GLU A 377 19.61 -36.84 18.01
CA GLU A 377 20.55 -37.21 19.08
C GLU A 377 21.19 -36.01 19.84
N ASP A 378 21.32 -34.88 19.16
CA ASP A 378 21.96 -33.68 19.74
C ASP A 378 21.02 -32.84 20.64
N VAL A 379 19.80 -33.34 20.82
CA VAL A 379 18.73 -32.56 21.44
C VAL A 379 18.02 -33.39 22.50
N ALA A 380 17.62 -32.73 23.58
CA ALA A 380 16.84 -33.33 24.65
C ALA A 380 15.63 -34.10 24.12
N SER A 381 15.24 -35.14 24.84
CA SER A 381 14.12 -35.98 24.46
C SER A 381 12.81 -35.22 24.58
N ASN A 382 12.74 -34.26 25.50
CA ASN A 382 11.55 -33.40 25.57
C ASN A 382 11.92 -31.93 25.69
N CYS A 383 11.55 -31.16 24.67
CA CYS A 383 11.91 -29.75 24.62
C CYS A 383 10.86 -28.83 25.22
N VAL A 384 9.71 -29.42 25.53
CA VAL A 384 8.59 -28.71 26.17
C VAL A 384 8.77 -28.66 27.71
N PRO A 385 8.96 -27.45 28.28
CA PRO A 385 9.09 -27.35 29.74
C PRO A 385 7.72 -27.37 30.42
N LEU B 4 -17.59 24.11 -15.65
CA LEU B 4 -17.84 22.93 -14.75
C LEU B 4 -17.86 21.60 -15.51
N ALA B 5 -17.45 21.62 -16.79
CA ALA B 5 -17.40 20.42 -17.63
C ALA B 5 -15.97 19.91 -17.88
N MET B 6 -14.98 20.60 -17.29
CA MET B 6 -13.60 20.10 -17.19
C MET B 6 -13.25 19.88 -15.73
N VAL B 7 -14.27 19.73 -14.89
CA VAL B 7 -14.10 19.39 -13.48
C VAL B 7 -14.16 17.85 -13.32
N ASP B 8 -13.32 17.31 -12.43
CA ASP B 8 -13.16 15.86 -12.19
C ASP B 8 -12.69 15.09 -13.43
N ASN B 9 -11.95 15.76 -14.31
CA ASN B 9 -11.43 15.18 -15.56
C ASN B 9 -9.97 14.73 -15.51
N LEU B 10 -9.41 14.61 -14.31
CA LEU B 10 -8.06 14.09 -14.11
C LEU B 10 -8.16 12.89 -13.18
N GLN B 11 -7.39 11.84 -13.46
CA GLN B 11 -7.37 10.66 -12.59
C GLN B 11 -6.05 10.52 -11.82
N GLY B 12 -6.14 10.19 -10.53
CA GLY B 12 -4.98 10.27 -9.64
C GLY B 12 -4.13 9.03 -9.45
N ASP B 13 -4.66 7.87 -9.84
CA ASP B 13 -4.07 6.55 -9.55
C ASP B 13 -3.10 6.50 -8.36
N SER B 14 -3.64 6.81 -7.18
CA SER B 14 -2.94 6.60 -5.91
C SER B 14 -1.54 7.26 -5.85
N GLY B 15 -1.39 8.38 -6.55
CA GLY B 15 -0.17 9.19 -6.47
C GLY B 15 0.95 8.82 -7.43
N ARG B 16 0.58 8.28 -8.59
CA ARG B 16 1.58 7.91 -9.60
C ARG B 16 1.48 8.87 -10.81
N GLY B 17 0.90 10.04 -10.57
CA GLY B 17 0.75 11.08 -11.59
C GLY B 17 -0.68 11.32 -12.01
N TYR B 18 -1.03 12.59 -12.20
CA TYR B 18 -2.38 12.97 -12.69
C TYR B 18 -2.42 12.95 -14.21
N TYR B 19 -3.36 12.18 -14.73
CA TYR B 19 -3.44 11.98 -16.16
C TYR B 19 -4.82 12.32 -16.72
N LEU B 20 -4.86 12.52 -18.02
CA LEU B 20 -6.03 12.99 -18.71
C LEU B 20 -6.33 11.98 -19.79
N GLU B 21 -7.55 11.46 -19.83
CA GLU B 21 -7.97 10.58 -20.92
C GLU B 21 -8.13 11.38 -22.20
N MET B 22 -7.37 11.00 -23.23
CA MET B 22 -7.43 11.66 -24.54
C MET B 22 -7.80 10.68 -25.66
N LEU B 23 -8.40 11.22 -26.71
CA LEU B 23 -8.72 10.46 -27.90
C LEU B 23 -7.90 10.98 -29.07
N ILE B 24 -7.08 10.09 -29.64
CA ILE B 24 -6.14 10.44 -30.70
C ILE B 24 -6.43 9.68 -31.99
N GLY B 25 -6.50 10.44 -33.09
CA GLY B 25 -6.61 9.88 -34.43
C GLY B 25 -8.01 9.54 -34.86
N THR B 26 -8.17 9.21 -36.14
CA THR B 26 -9.44 8.76 -36.66
C THR B 26 -9.32 7.32 -37.17
N PRO B 27 -10.08 6.39 -36.57
CA PRO B 27 -10.96 6.56 -35.39
C PRO B 27 -10.18 6.87 -34.11
N PRO B 28 -10.87 7.45 -33.10
CA PRO B 28 -10.25 7.83 -31.84
C PRO B 28 -9.67 6.63 -31.08
N GLN B 29 -8.39 6.72 -30.74
CA GLN B 29 -7.76 5.78 -29.82
C GLN B 29 -7.66 6.39 -28.43
N LYS B 30 -8.03 5.61 -27.42
CA LYS B 30 -8.05 6.10 -26.04
C LYS B 30 -6.69 5.92 -25.36
N LEU B 31 -6.14 7.02 -24.83
CA LEU B 31 -4.83 7.04 -24.14
C LEU B 31 -4.88 7.81 -22.81
N GLN B 32 -3.94 7.50 -21.91
CA GLN B 32 -3.83 8.15 -20.60
C GLN B 32 -2.58 8.99 -20.57
N ILE B 33 -2.75 10.30 -20.40
CA ILE B 33 -1.65 11.21 -20.60
C ILE B 33 -1.34 12.00 -19.35
N LEU B 34 -0.10 11.84 -18.86
CA LEU B 34 0.42 12.65 -17.77
C LEU B 34 0.32 14.15 -18.10
N VAL B 35 -0.18 14.92 -17.14
CA VAL B 35 -0.26 16.36 -17.28
C VAL B 35 1.01 16.97 -16.67
N ASP B 36 1.86 17.53 -17.52
CA ASP B 36 3.16 17.92 -17.05
C ASP B 36 3.54 19.36 -17.41
N THR B 37 3.68 20.21 -16.40
CA THR B 37 4.04 21.59 -16.65
C THR B 37 5.57 21.83 -16.60
N GLY B 38 6.35 20.75 -16.56
CA GLY B 38 7.81 20.87 -16.68
C GLY B 38 8.40 20.41 -18.01
N SER B 39 7.57 20.35 -19.05
CA SER B 39 8.02 19.92 -20.37
C SER B 39 7.06 20.42 -21.44
N SER B 40 7.46 20.37 -22.71
CA SER B 40 6.76 21.07 -23.78
C SER B 40 6.45 20.24 -25.01
N ASN B 41 6.52 18.92 -24.87
CA ASN B 41 6.20 18.03 -25.96
C ASN B 41 5.01 17.16 -25.64
N PHE B 42 4.24 16.85 -26.67
CA PHE B 42 3.20 15.86 -26.55
C PHE B 42 3.85 14.60 -27.09
N ALA B 43 4.01 13.60 -26.21
CA ALA B 43 4.68 12.37 -26.56
C ALA B 43 3.89 11.16 -26.08
N VAL B 44 3.65 10.19 -26.96
CA VAL B 44 2.92 8.98 -26.60
C VAL B 44 3.65 7.70 -27.00
N ALA B 45 3.46 6.64 -26.22
CA ALA B 45 3.81 5.30 -26.64
C ALA B 45 3.32 5.03 -28.07
N GLY B 46 4.25 4.56 -28.91
CA GLY B 46 3.95 4.22 -30.30
C GLY B 46 4.15 2.74 -30.61
N THR B 47 4.83 2.02 -29.73
CA THR B 47 5.05 0.59 -29.90
C THR B 47 4.71 -0.10 -28.59
N PRO B 48 4.49 -1.42 -28.61
CA PRO B 48 4.26 -2.03 -27.30
C PRO B 48 5.45 -1.87 -26.36
N HIS B 49 5.14 -1.96 -25.08
CA HIS B 49 6.14 -2.05 -24.04
C HIS B 49 5.45 -2.92 -22.99
N SER B 50 6.22 -3.68 -22.20
CA SER B 50 5.59 -4.60 -21.27
C SER B 50 4.98 -3.87 -20.07
N TYR B 51 5.48 -2.68 -19.76
CA TYR B 51 4.95 -1.89 -18.63
C TYR B 51 3.81 -0.92 -18.98
N ILE B 52 3.20 -1.07 -20.15
CA ILE B 52 2.03 -0.26 -20.54
C ILE B 52 0.99 -1.15 -21.19
N ASP B 53 -0.24 -0.68 -21.25
CA ASP B 53 -1.35 -1.49 -21.77
C ASP B 53 -1.77 -1.08 -23.16
N THR B 54 -1.67 0.20 -23.43
CA THR B 54 -2.14 0.78 -24.69
C THR B 54 -1.01 1.66 -25.25
N TYR B 55 -0.91 1.70 -26.59
CA TYR B 55 -0.08 2.67 -27.29
C TYR B 55 -0.90 3.20 -28.45
N PHE B 56 -0.40 4.27 -29.08
CA PHE B 56 -1.13 4.84 -30.20
C PHE B 56 -0.58 4.23 -31.48
N ASP B 57 -1.42 3.46 -32.16
CA ASP B 57 -1.01 2.84 -33.42
C ASP B 57 -1.34 3.78 -34.57
N THR B 58 -0.30 4.42 -35.12
CA THR B 58 -0.48 5.44 -36.16
C THR B 58 -1.16 4.90 -37.41
N GLU B 59 -0.80 3.69 -37.81
CA GLU B 59 -1.37 3.04 -38.99
C GLU B 59 -2.87 2.83 -38.89
N ARG B 60 -3.37 2.73 -37.67
CA ARG B 60 -4.79 2.54 -37.45
C ARG B 60 -5.57 3.88 -37.36
N SER B 61 -4.92 4.96 -37.79
CA SER B 61 -5.55 6.28 -37.90
C SER B 61 -5.32 6.95 -39.27
N SER B 62 -6.41 7.40 -39.88
CA SER B 62 -6.36 7.97 -41.24
C SER B 62 -6.01 9.44 -41.26
N THR B 63 -6.21 10.10 -40.13
CA THR B 63 -5.83 11.51 -39.98
C THR B 63 -4.34 11.73 -39.67
N TYR B 64 -3.61 10.66 -39.35
CA TYR B 64 -2.18 10.79 -39.04
C TYR B 64 -1.37 11.30 -40.24
N ARG B 65 -0.31 12.06 -39.97
CA ARG B 65 0.67 12.46 -40.99
C ARG B 65 2.09 12.61 -40.41
N SER B 66 3.03 11.88 -41.00
CA SER B 66 4.42 12.01 -40.61
C SER B 66 4.94 13.38 -41.01
N LYS B 67 5.91 13.90 -40.27
CA LYS B 67 6.57 15.16 -40.60
C LYS B 67 7.98 14.88 -41.09
N GLY B 68 8.30 13.59 -41.21
CA GLY B 68 9.59 13.13 -41.73
C GLY B 68 10.82 13.48 -40.91
N PHE B 69 10.67 13.53 -39.59
CA PHE B 69 11.83 13.53 -38.68
C PHE B 69 11.56 12.85 -37.36
N ASP B 70 12.64 12.57 -36.65
CA ASP B 70 12.61 11.93 -35.34
C ASP B 70 13.09 12.92 -34.33
N VAL B 71 12.73 12.70 -33.07
CA VAL B 71 13.33 13.48 -32.00
C VAL B 71 13.75 12.53 -30.91
N THR B 72 14.89 12.84 -30.30
CA THR B 72 15.38 12.09 -29.15
C THR B 72 15.45 13.00 -27.95
N VAL B 73 14.76 12.61 -26.88
CA VAL B 73 14.75 13.40 -25.64
C VAL B 73 15.45 12.68 -24.48
N LYS B 74 16.51 13.29 -23.94
CA LYS B 74 17.18 12.78 -22.75
C LYS B 74 16.81 13.59 -21.52
N TYR B 75 16.43 12.93 -20.43
CA TYR B 75 16.32 13.64 -19.15
C TYR B 75 17.35 13.05 -18.20
N THR B 76 17.32 13.52 -16.96
CA THR B 76 18.21 13.09 -15.90
C THR B 76 18.18 11.57 -15.77
N GLN B 77 17.00 11.05 -15.46
CA GLN B 77 16.72 9.63 -15.47
C GLN B 77 15.69 9.45 -16.58
N GLY B 78 15.99 8.62 -17.56
CA GLY B 78 15.01 8.41 -18.64
C GLY B 78 15.29 9.14 -19.94
N SER B 79 14.92 8.48 -21.03
CA SER B 79 15.05 9.06 -22.37
C SER B 79 14.20 8.25 -23.33
N TRP B 80 13.86 8.86 -24.47
CA TRP B 80 13.11 8.21 -25.55
C TRP B 80 13.43 8.73 -26.93
N THR B 81 12.95 8.01 -27.95
CA THR B 81 13.02 8.47 -29.35
C THR B 81 11.68 8.20 -30.01
N GLY B 82 11.16 9.23 -30.66
CA GLY B 82 9.86 9.12 -31.33
C GLY B 82 9.79 9.68 -32.73
N PHE B 83 8.87 9.13 -33.52
CA PHE B 83 8.49 9.71 -34.79
C PHE B 83 7.71 11.00 -34.55
N VAL B 84 8.12 12.10 -35.18
CA VAL B 84 7.33 13.32 -35.09
C VAL B 84 6.29 13.40 -36.20
N GLY B 85 5.03 13.49 -35.81
CA GLY B 85 3.96 13.73 -36.76
C GLY B 85 2.94 14.72 -36.24
N GLU B 86 1.72 14.60 -36.73
CA GLU B 86 0.56 15.36 -36.27
C GLU B 86 -0.71 14.54 -36.51
N ASP B 87 -1.70 14.68 -35.62
CA ASP B 87 -3.00 13.98 -35.76
C ASP B 87 -4.05 14.71 -34.94
N LEU B 88 -5.29 14.24 -35.00
CA LEU B 88 -6.42 14.86 -34.33
C LEU B 88 -6.55 14.43 -32.87
N VAL B 89 -6.86 15.40 -32.02
CA VAL B 89 -7.08 15.15 -30.61
C VAL B 89 -8.45 15.66 -30.19
N THR B 90 -9.21 14.79 -29.54
CA THR B 90 -10.42 15.19 -28.87
C THR B 90 -10.20 15.02 -27.39
N ILE B 91 -10.69 15.95 -26.59
CA ILE B 91 -10.73 15.75 -25.14
C ILE B 91 -12.20 15.56 -24.72
N PRO B 92 -12.63 14.29 -24.58
CA PRO B 92 -14.05 13.99 -24.34
C PRO B 92 -14.61 14.70 -23.11
N LYS B 93 -13.84 14.67 -22.02
CA LYS B 93 -14.20 15.40 -20.80
C LYS B 93 -13.65 16.84 -20.87
N GLY B 94 -14.37 17.69 -21.62
CA GLY B 94 -14.00 19.09 -21.78
C GLY B 94 -14.24 19.68 -23.17
N PHE B 95 -13.99 18.90 -24.21
CA PHE B 95 -14.00 19.42 -25.59
C PHE B 95 -14.75 18.60 -26.63
N ASN B 96 -15.62 19.29 -27.38
CA ASN B 96 -16.47 18.69 -28.40
C ASN B 96 -15.68 18.38 -29.68
N THR B 97 -15.27 19.44 -30.37
CA THR B 97 -14.55 19.34 -31.65
C THR B 97 -13.09 18.91 -31.43
N SER B 98 -12.57 18.15 -32.39
CA SER B 98 -11.19 17.70 -32.32
C SER B 98 -10.29 18.77 -32.87
N PHE B 99 -9.02 18.72 -32.47
CA PHE B 99 -8.04 19.70 -32.92
C PHE B 99 -6.73 19.03 -33.33
N LEU B 100 -5.96 19.73 -34.16
CA LEU B 100 -4.76 19.18 -34.77
C LEU B 100 -3.52 19.60 -34.01
N VAL B 101 -2.78 18.61 -33.51
CA VAL B 101 -1.61 18.87 -32.66
C VAL B 101 -0.37 18.13 -33.13
N ASN B 102 0.79 18.66 -32.77
CA ASN B 102 2.02 17.91 -32.90
C ASN B 102 2.08 16.70 -31.98
N ILE B 103 2.75 15.65 -32.43
CA ILE B 103 2.82 14.41 -31.67
C ILE B 103 4.13 13.68 -31.93
N ALA B 104 4.74 13.20 -30.86
CA ALA B 104 5.89 12.34 -30.97
C ALA B 104 5.41 10.97 -30.55
N THR B 105 5.49 10.01 -31.46
CA THR B 105 5.17 8.62 -31.09
C THR B 105 6.47 7.85 -30.81
N ILE B 106 6.61 7.43 -29.57
CA ILE B 106 7.81 6.78 -29.05
C ILE B 106 7.93 5.34 -29.57
N PHE B 107 9.10 5.01 -30.13
CA PHE B 107 9.39 3.64 -30.63
C PHE B 107 10.58 3.02 -29.90
N GLU B 108 11.32 3.84 -29.16
CA GLU B 108 12.46 3.40 -28.37
C GLU B 108 12.53 4.23 -27.11
N SER B 109 12.75 3.57 -25.98
CA SER B 109 12.92 4.29 -24.75
C SER B 109 13.67 3.45 -23.74
N GLU B 110 13.91 4.09 -22.59
CA GLU B 110 14.75 3.57 -21.54
C GLU B 110 14.33 4.29 -20.25
N ASN B 111 13.88 3.53 -19.26
CA ASN B 111 13.50 4.10 -17.95
C ASN B 111 12.54 5.27 -18.09
N PHE B 112 11.45 5.04 -18.82
CA PHE B 112 10.47 6.07 -19.08
C PHE B 112 9.07 5.52 -18.76
N PHE B 113 8.72 4.40 -19.39
CA PHE B 113 7.55 3.64 -18.98
C PHE B 113 8.04 2.70 -17.89
N LEU B 114 7.50 2.88 -16.69
CA LEU B 114 7.94 2.12 -15.53
C LEU B 114 6.86 1.15 -15.09
N PRO B 115 7.25 0.11 -14.33
CA PRO B 115 6.24 -0.83 -13.85
C PRO B 115 5.19 -0.11 -12.99
N GLY B 116 3.93 -0.47 -13.17
CA GLY B 116 2.86 0.09 -12.34
C GLY B 116 2.21 1.41 -12.71
N ILE B 117 2.87 2.27 -13.52
CA ILE B 117 2.26 3.54 -13.95
C ILE B 117 1.17 3.28 -14.96
N LYS B 118 0.08 4.05 -14.88
CA LYS B 118 -1.07 3.78 -15.77
C LYS B 118 -1.12 4.73 -16.96
N TRP B 119 -0.26 5.75 -16.98
CA TRP B 119 -0.18 6.65 -18.12
C TRP B 119 0.73 6.10 -19.21
N ASN B 120 0.43 6.46 -20.45
CA ASN B 120 1.17 5.94 -21.59
C ASN B 120 1.57 7.05 -22.58
N GLY B 121 1.57 8.28 -22.08
CA GLY B 121 2.16 9.42 -22.79
C GLY B 121 2.17 10.68 -21.94
N ILE B 122 2.78 11.74 -22.44
CA ILE B 122 2.96 12.98 -21.69
C ILE B 122 2.54 14.23 -22.47
N LEU B 123 1.89 15.15 -21.77
CA LEU B 123 1.41 16.39 -22.34
C LEU B 123 2.23 17.52 -21.74
N GLY B 124 3.15 18.04 -22.54
CA GLY B 124 4.04 19.10 -22.07
C GLY B 124 3.24 20.38 -22.12
N LEU B 125 3.17 21.08 -20.99
CA LEU B 125 2.37 22.30 -20.91
C LEU B 125 3.18 23.58 -20.74
N ALA B 126 4.51 23.46 -20.80
CA ALA B 126 5.41 24.60 -20.68
C ALA B 126 5.57 25.36 -22.00
N TYR B 127 6.60 26.19 -22.08
CA TYR B 127 6.75 27.07 -23.23
C TYR B 127 7.50 26.42 -24.38
N ALA B 128 7.27 26.96 -25.58
CA ALA B 128 7.87 26.44 -26.80
C ALA B 128 9.40 26.33 -26.71
N THR B 129 10.04 27.25 -25.97
CA THR B 129 11.50 27.22 -25.72
C THR B 129 12.04 25.87 -25.23
N LEU B 130 11.19 25.06 -24.59
CA LEU B 130 11.61 23.71 -24.14
C LEU B 130 11.27 22.58 -25.12
N ALA B 131 10.41 22.88 -26.09
CA ALA B 131 10.00 21.89 -27.10
C ALA B 131 11.17 21.35 -27.92
N LYS B 132 11.13 20.06 -28.24
CA LYS B 132 12.19 19.41 -29.00
C LYS B 132 11.65 18.89 -30.33
N PRO B 133 12.46 18.95 -31.40
CA PRO B 133 13.86 19.37 -31.43
C PRO B 133 14.07 20.87 -31.20
N SER B 134 13.06 21.69 -31.50
CA SER B 134 13.23 23.15 -31.44
C SER B 134 11.93 23.83 -31.08
N SER B 135 12.05 25.09 -30.63
CA SER B 135 10.87 25.90 -30.26
C SER B 135 9.89 26.15 -31.40
N SER B 136 10.17 25.63 -32.59
CA SER B 136 9.28 25.83 -33.74
C SER B 136 8.31 24.66 -33.96
N LEU B 137 8.43 23.63 -33.14
CA LEU B 137 7.42 22.56 -33.09
C LEU B 137 6.35 22.93 -32.04
N GLU B 138 5.25 23.47 -32.54
CA GLU B 138 4.21 24.10 -31.75
C GLU B 138 3.64 23.19 -30.67
N THR B 139 3.54 23.75 -29.46
CA THR B 139 3.06 23.00 -28.30
C THR B 139 1.56 22.71 -28.36
N PHE B 140 1.14 21.67 -27.66
CA PHE B 140 -0.28 21.28 -27.63
C PHE B 140 -1.19 22.44 -27.29
N PHE B 141 -0.89 23.11 -26.18
CA PHE B 141 -1.76 24.16 -25.69
C PHE B 141 -1.84 25.32 -26.67
N ASP B 142 -0.68 25.76 -27.17
CA ASP B 142 -0.63 26.74 -28.24
C ASP B 142 -1.50 26.36 -29.44
N SER B 143 -1.47 25.10 -29.85
CA SER B 143 -2.36 24.61 -30.90
C SER B 143 -3.83 24.80 -30.52
N LEU B 144 -4.16 24.43 -29.29
CA LEU B 144 -5.52 24.53 -28.80
C LEU B 144 -5.92 26.01 -28.75
N VAL B 145 -4.97 26.87 -28.37
CA VAL B 145 -5.27 28.29 -28.23
C VAL B 145 -5.69 28.89 -29.59
N THR B 146 -4.90 28.59 -30.62
CA THR B 146 -5.22 29.01 -31.97
C THR B 146 -6.54 28.39 -32.50
N GLN B 147 -6.73 27.10 -32.29
CA GLN B 147 -7.81 26.40 -32.96
C GLN B 147 -9.12 26.52 -32.23
N ALA B 148 -9.06 26.50 -30.90
CA ALA B 148 -10.26 26.53 -30.08
C ALA B 148 -10.67 27.96 -29.81
N ASN B 149 -9.76 28.90 -30.11
CA ASN B 149 -9.96 30.33 -29.78
C ASN B 149 -10.29 30.51 -28.28
N ILE B 150 -9.35 30.14 -27.42
CA ILE B 150 -9.55 30.23 -25.98
C ILE B 150 -8.45 31.10 -25.38
N PRO B 151 -8.68 31.68 -24.18
CA PRO B 151 -7.58 32.49 -23.63
C PRO B 151 -6.34 31.65 -23.28
N ASN B 152 -5.18 32.29 -23.31
CA ASN B 152 -3.89 31.64 -23.12
C ASN B 152 -3.60 31.48 -21.63
N VAL B 153 -4.47 30.70 -21.00
CA VAL B 153 -4.44 30.50 -19.57
C VAL B 153 -4.97 29.09 -19.35
N PHE B 154 -4.34 28.37 -18.44
CA PHE B 154 -4.93 27.13 -17.93
C PHE B 154 -4.68 27.05 -16.42
N SER B 155 -5.42 26.17 -15.75
CA SER B 155 -5.35 26.04 -14.30
C SER B 155 -5.51 24.57 -13.87
N MET B 156 -5.10 24.26 -12.63
CA MET B 156 -5.05 22.87 -12.12
C MET B 156 -5.55 22.70 -10.68
N GLN B 157 -6.44 21.73 -10.48
CA GLN B 157 -6.88 21.36 -9.16
C GLN B 157 -6.62 19.90 -8.94
N MET B 158 -5.62 19.58 -8.14
CA MET B 158 -5.28 18.18 -7.82
C MET B 158 -5.78 17.79 -6.42
N CYS B 159 -6.68 16.81 -6.37
CA CYS B 159 -7.34 16.40 -5.11
C CYS B 159 -6.80 15.10 -4.47
N GLY B 160 -5.49 14.88 -4.51
CA GLY B 160 -4.92 13.59 -4.07
C GLY B 160 -4.33 13.53 -2.67
N ALA B 161 -4.20 14.69 -2.03
CA ALA B 161 -3.62 14.77 -0.68
C ALA B 161 -4.60 14.28 0.37
N ASN B 171 -8.84 9.23 -6.11
CA ASN B 171 -9.16 10.65 -6.16
C ASN B 171 -8.33 11.39 -7.22
N GLY B 172 -8.98 12.26 -7.98
CA GLY B 172 -8.35 12.90 -9.13
C GLY B 172 -8.31 14.42 -9.10
N GLY B 173 -8.89 15.07 -10.11
CA GLY B 173 -8.89 16.53 -10.17
C GLY B 173 -9.40 17.22 -11.44
N SER B 174 -8.89 18.41 -11.71
CA SER B 174 -9.38 19.17 -12.83
C SER B 174 -8.24 19.92 -13.55
N LEU B 175 -8.19 19.78 -14.87
CA LEU B 175 -7.34 20.63 -15.68
C LEU B 175 -8.31 21.43 -16.52
N VAL B 176 -8.32 22.74 -16.31
CA VAL B 176 -9.23 23.65 -17.01
C VAL B 176 -8.42 24.32 -18.12
N LEU B 177 -8.82 24.11 -19.36
CA LEU B 177 -8.05 24.69 -20.46
C LEU B 177 -8.76 25.90 -21.00
N GLY B 178 -8.09 27.05 -20.90
CA GLY B 178 -8.63 28.31 -21.38
C GLY B 178 -9.05 29.28 -20.27
N GLY B 179 -9.10 28.82 -19.04
CA GLY B 179 -9.36 29.73 -17.96
C GLY B 179 -9.34 29.18 -16.55
N ILE B 180 -10.17 29.83 -15.72
CA ILE B 180 -10.21 29.67 -14.27
C ILE B 180 -11.63 29.22 -13.95
N GLU B 181 -11.78 28.43 -12.91
CA GLU B 181 -13.07 27.87 -12.57
C GLU B 181 -13.36 28.10 -11.08
N PRO B 182 -14.14 29.17 -10.77
CA PRO B 182 -14.57 29.62 -9.43
C PRO B 182 -14.79 28.52 -8.42
N SER B 183 -15.64 27.55 -8.75
CA SER B 183 -16.01 26.51 -7.78
C SER B 183 -14.82 25.67 -7.35
N LEU B 184 -13.68 25.86 -8.02
CA LEU B 184 -12.49 25.08 -7.72
C LEU B 184 -11.59 25.76 -6.68
N TYR B 185 -11.91 27.00 -6.31
CA TYR B 185 -11.12 27.68 -5.30
C TYR B 185 -11.97 28.47 -4.30
N LYS B 186 -11.35 28.85 -3.18
CA LYS B 186 -12.00 29.66 -2.16
C LYS B 186 -11.14 30.88 -1.97
N GLY B 187 -11.77 32.00 -1.59
CA GLY B 187 -11.04 33.19 -1.19
C GLY B 187 -10.33 33.86 -2.34
N ASP B 188 -9.18 34.44 -2.03
CA ASP B 188 -8.48 35.26 -2.98
C ASP B 188 -7.40 34.50 -3.75
N ILE B 189 -7.10 34.98 -4.96
CA ILE B 189 -5.99 34.50 -5.78
C ILE B 189 -4.77 35.42 -5.58
N TRP B 190 -3.60 34.84 -5.37
CA TRP B 190 -2.38 35.62 -5.40
C TRP B 190 -1.53 35.26 -6.62
N TYR B 191 -1.11 36.29 -7.35
CA TYR B 191 -0.32 36.13 -8.55
C TYR B 191 1.15 36.49 -8.37
N THR B 192 2.02 35.64 -8.90
CA THR B 192 3.44 35.90 -8.90
C THR B 192 3.93 35.90 -10.34
N PRO B 193 4.86 36.81 -10.66
CA PRO B 193 5.39 36.98 -12.04
C PRO B 193 6.16 35.77 -12.54
N ILE B 194 5.89 35.36 -13.77
CA ILE B 194 6.73 34.37 -14.41
C ILE B 194 8.00 35.12 -14.81
N LYS B 195 9.13 34.72 -14.26
CA LYS B 195 10.41 35.43 -14.46
C LYS B 195 11.10 35.15 -15.78
N GLU B 196 10.88 33.98 -16.34
CA GLU B 196 11.40 33.60 -17.65
C GLU B 196 10.49 32.51 -18.24
N GLU B 197 10.17 32.63 -19.53
CA GLU B 197 9.12 31.83 -20.14
C GLU B 197 9.67 30.59 -20.87
N TRP B 198 10.21 29.65 -20.08
CA TRP B 198 10.61 28.33 -20.56
C TRP B 198 9.87 27.25 -19.73
N TYR B 199 10.38 26.92 -18.54
CA TYR B 199 9.58 26.36 -17.46
C TYR B 199 8.70 27.48 -16.89
N TYR B 200 7.87 27.16 -15.92
CA TYR B 200 7.20 28.18 -15.13
C TYR B 200 8.08 28.62 -13.98
N GLN B 201 9.08 29.43 -14.29
CA GLN B 201 9.98 29.93 -13.27
C GLN B 201 9.39 31.10 -12.49
N ILE B 202 9.45 31.00 -11.17
CA ILE B 202 8.99 32.07 -10.30
C ILE B 202 10.08 32.51 -9.31
N GLU B 203 9.77 33.49 -8.46
CA GLU B 203 10.77 34.03 -7.54
C GLU B 203 10.44 33.75 -6.09
N ILE B 204 11.26 32.91 -5.48
CA ILE B 204 11.11 32.59 -4.08
C ILE B 204 12.00 33.52 -3.28
N LEU B 205 11.46 34.08 -2.21
CA LEU B 205 12.16 35.11 -1.43
C LEU B 205 12.61 34.62 -0.05
N LYS B 206 11.91 33.62 0.48
CA LYS B 206 12.09 33.18 1.86
C LYS B 206 11.38 31.86 2.07
N LEU B 207 12.02 30.95 2.80
CA LEU B 207 11.36 29.76 3.33
C LEU B 207 11.30 29.85 4.86
N GLU B 208 10.25 29.28 5.45
CA GLU B 208 9.98 29.48 6.86
C GLU B 208 9.44 28.21 7.54
N ILE B 209 10.19 27.68 8.49
CA ILE B 209 9.77 26.46 9.18
C ILE B 209 9.16 26.74 10.55
N GLY B 210 7.89 26.37 10.74
CA GLY B 210 7.19 26.60 11.99
C GLY B 210 7.07 28.08 12.34
N GLY B 211 7.23 28.93 11.34
CA GLY B 211 7.16 30.38 11.54
C GLY B 211 8.48 31.13 11.60
N GLN B 212 9.55 30.43 12.00
CA GLN B 212 10.88 31.04 12.03
C GLN B 212 11.62 30.72 10.72
N SER B 213 12.43 31.68 10.26
CA SER B 213 13.06 31.62 8.93
C SER B 213 14.33 30.75 8.89
N LEU B 214 14.95 30.66 7.71
CA LEU B 214 16.19 29.92 7.55
C LEU B 214 17.40 30.85 7.42
N ASN B 215 17.13 32.15 7.25
CA ASN B 215 18.19 33.14 7.11
C ASN B 215 19.31 32.75 6.14
N LEU B 216 18.95 32.09 5.04
CA LEU B 216 19.88 31.97 3.91
C LEU B 216 19.67 33.21 3.05
N ASP B 217 20.66 33.55 2.22
CA ASP B 217 20.48 34.60 1.24
C ASP B 217 19.41 34.12 0.26
N CYS B 218 18.56 35.03 -0.19
CA CYS B 218 17.43 34.68 -1.02
C CYS B 218 17.82 34.14 -2.42
N ARG B 219 19.08 34.34 -2.80
CA ARG B 219 19.56 33.84 -4.08
C ARG B 219 19.74 32.35 -4.06
N GLU B 220 19.78 31.79 -2.83
CA GLU B 220 19.90 30.34 -2.64
C GLU B 220 18.65 29.59 -3.09
N TYR B 221 17.47 30.19 -2.91
CA TYR B 221 16.23 29.52 -3.27
C TYR B 221 15.99 29.51 -4.77
N ASN B 222 16.83 30.24 -5.51
CA ASN B 222 16.70 30.40 -6.96
C ASN B 222 17.94 29.88 -7.70
N ALA B 223 18.44 28.72 -7.23
CA ALA B 223 19.74 28.15 -7.64
C ALA B 223 19.91 28.04 -9.14
N ASP B 224 19.26 27.08 -9.76
CA ASP B 224 19.18 27.15 -11.22
C ASP B 224 17.86 27.77 -11.67
N LYS B 225 16.91 27.86 -10.76
CA LYS B 225 15.57 28.39 -11.01
C LYS B 225 14.66 27.80 -9.96
N ALA B 226 13.55 28.46 -9.73
CA ALA B 226 12.49 27.89 -8.93
C ALA B 226 11.34 27.75 -9.90
N ILE B 227 10.82 26.54 -10.04
CA ILE B 227 9.80 26.29 -11.07
C ILE B 227 8.56 25.63 -10.50
N VAL B 228 7.45 25.70 -11.22
CA VAL B 228 6.22 25.00 -10.84
C VAL B 228 5.96 23.87 -11.84
N ASP B 229 6.06 22.63 -11.35
CA ASP B 229 6.15 21.48 -12.25
C ASP B 229 5.28 20.33 -11.79
N SER B 230 4.12 20.19 -12.41
CA SER B 230 3.21 19.09 -12.07
C SER B 230 3.77 17.71 -12.38
N GLY B 231 4.87 17.64 -13.11
CA GLY B 231 5.50 16.36 -13.46
C GLY B 231 6.60 15.90 -12.50
N THR B 232 6.78 16.62 -11.40
CA THR B 232 7.68 16.20 -10.33
C THR B 232 6.82 15.79 -9.14
N THR B 233 7.16 14.68 -8.50
CA THR B 233 6.38 14.26 -7.33
C THR B 233 6.60 15.15 -6.11
N LEU B 234 7.83 15.35 -5.69
CA LEU B 234 8.06 16.00 -4.39
C LEU B 234 8.38 17.49 -4.51
N LEU B 235 8.38 18.16 -3.36
CA LEU B 235 9.07 19.40 -3.22
C LEU B 235 10.57 19.10 -3.31
N ARG B 236 11.21 19.63 -4.34
CA ARG B 236 12.65 19.43 -4.49
C ARG B 236 13.39 20.72 -4.17
N LEU B 237 14.42 20.59 -3.36
CA LEU B 237 15.19 21.74 -2.90
C LEU B 237 16.68 21.51 -3.18
N PRO B 238 17.38 22.54 -3.69
CA PRO B 238 18.82 22.42 -3.97
C PRO B 238 19.57 22.12 -2.68
N GLN B 239 20.67 21.36 -2.78
CA GLN B 239 21.27 20.70 -1.62
C GLN B 239 21.34 21.52 -0.33
N LYS B 240 21.98 22.70 -0.42
CA LYS B 240 22.12 23.59 0.71
C LYS B 240 20.77 23.89 1.40
N VAL B 241 19.72 24.11 0.61
CA VAL B 241 18.39 24.41 1.15
C VAL B 241 17.80 23.15 1.78
N PHE B 242 17.93 22.02 1.09
CA PHE B 242 17.47 20.74 1.63
C PHE B 242 18.04 20.52 3.04
N ASP B 243 19.36 20.66 3.16
CA ASP B 243 20.04 20.50 4.44
C ASP B 243 19.48 21.42 5.54
N ALA B 244 19.20 22.67 5.20
CA ALA B 244 18.66 23.63 6.16
C ALA B 244 17.26 23.23 6.59
N VAL B 245 16.46 22.77 5.65
CA VAL B 245 15.06 22.44 5.92
C VAL B 245 14.93 21.21 6.85
N VAL B 246 15.73 20.17 6.55
CA VAL B 246 15.82 18.98 7.39
C VAL B 246 16.32 19.38 8.78
N GLU B 247 17.49 20.02 8.80
CA GLU B 247 18.07 20.54 10.02
C GLU B 247 16.97 21.16 10.88
N ALA B 248 16.13 21.98 10.24
CA ALA B 248 15.11 22.76 10.97
C ALA B 248 13.88 21.95 11.33
N VAL B 249 13.44 21.06 10.44
CA VAL B 249 12.29 20.21 10.72
C VAL B 249 12.61 19.24 11.85
N ALA B 250 13.79 18.62 11.78
CA ALA B 250 14.24 17.71 12.84
C ALA B 250 14.24 18.47 14.15
N ARG B 251 14.94 19.61 14.15
CA ARG B 251 15.05 20.49 15.30
C ARG B 251 13.71 20.69 16.02
N ALA B 252 12.60 20.61 15.29
CA ALA B 252 11.28 20.67 15.91
C ALA B 252 10.53 19.32 15.89
N SER B 253 11.15 18.29 16.47
CA SER B 253 10.49 16.99 16.75
C SER B 253 11.47 15.96 17.32
N SER B 259 16.07 9.49 13.04
CA SER B 259 15.39 9.08 11.82
C SER B 259 16.44 8.70 10.77
N ASP B 260 16.99 9.73 10.13
CA ASP B 260 18.15 9.69 9.21
C ASP B 260 18.06 8.98 7.84
N GLY B 261 17.36 7.87 7.78
CA GLY B 261 17.01 7.28 6.49
C GLY B 261 15.69 7.86 6.05
N PHE B 262 14.96 8.44 7.01
CA PHE B 262 13.70 9.10 6.76
C PHE B 262 13.89 10.36 5.90
N TRP B 263 14.74 11.28 6.37
CA TRP B 263 15.06 12.50 5.63
C TRP B 263 15.50 12.22 4.20
N THR B 264 16.46 11.32 4.07
CA THR B 264 16.99 10.93 2.77
C THR B 264 16.03 10.01 1.97
N GLY B 265 14.89 9.65 2.55
CA GLY B 265 13.88 8.86 1.84
C GLY B 265 14.11 7.36 1.71
N SER B 266 15.16 6.85 2.37
CA SER B 266 15.42 5.41 2.36
C SER B 266 14.84 4.65 3.56
N GLN B 267 14.10 5.36 4.43
CA GLN B 267 13.27 4.69 5.43
C GLN B 267 11.89 5.32 5.47
N LEU B 268 10.88 4.52 5.80
CA LEU B 268 9.58 5.06 6.18
C LEU B 268 9.44 5.01 7.70
N ALA B 269 8.71 5.96 8.27
CA ALA B 269 8.40 5.98 9.69
C ALA B 269 6.96 5.52 9.97
N CYS B 270 6.79 4.55 10.87
CA CYS B 270 5.45 4.00 11.14
C CYS B 270 4.92 4.41 12.51
N TRP B 271 3.62 4.74 12.58
CA TRP B 271 2.97 5.15 13.83
C TRP B 271 1.64 4.44 14.03
N THR B 272 0.91 4.84 15.08
CA THR B 272 -0.31 4.17 15.46
C THR B 272 -1.46 5.15 15.73
N THR B 276 -2.55 10.54 15.08
CA THR B 276 -1.56 10.71 14.03
C THR B 276 -0.38 11.56 14.48
N PRO B 277 0.73 11.45 13.75
CA PRO B 277 1.97 12.21 13.91
C PRO B 277 1.94 13.64 13.35
N TRP B 278 0.95 13.96 12.52
CA TRP B 278 0.86 15.26 11.86
C TRP B 278 0.96 16.48 12.78
N SER B 279 0.17 16.51 13.86
CA SER B 279 0.18 17.63 14.80
C SER B 279 1.54 17.85 15.46
N TYR B 280 2.41 16.84 15.38
CA TYR B 280 3.75 16.88 15.98
C TYR B 280 4.88 17.48 15.13
N PHE B 281 4.60 17.73 13.84
CA PHE B 281 5.55 18.38 12.90
C PHE B 281 5.25 19.88 12.63
N PRO B 282 6.21 20.64 12.06
CA PRO B 282 5.97 22.07 11.84
C PRO B 282 5.41 22.43 10.46
N LYS B 283 5.04 23.70 10.28
CA LYS B 283 4.56 24.22 9.00
C LYS B 283 5.73 24.71 8.20
N ILE B 284 5.70 24.49 6.88
CA ILE B 284 6.71 25.00 5.97
C ILE B 284 6.10 26.05 5.04
N SER B 285 6.62 27.27 5.11
CA SER B 285 6.09 28.37 4.29
C SER B 285 7.04 28.83 3.21
N ILE B 286 6.45 29.01 2.02
CA ILE B 286 7.14 29.56 0.85
C ILE B 286 6.62 31.00 0.60
N TYR B 287 7.54 31.93 0.39
CA TYR B 287 7.18 33.34 0.17
C TYR B 287 7.52 33.72 -1.26
N LEU B 288 6.52 34.20 -1.99
CA LEU B 288 6.67 34.56 -3.40
C LEU B 288 6.46 36.06 -3.60
N ARG B 289 7.25 36.64 -4.49
CA ARG B 289 7.02 38.03 -4.84
C ARG B 289 5.65 38.17 -5.45
N ASP B 290 4.94 39.20 -5.01
CA ASP B 290 3.66 39.61 -5.62
C ASP B 290 3.92 40.40 -6.90
N GLU B 291 2.91 40.49 -7.77
CA GLU B 291 3.00 41.30 -8.99
C GLU B 291 3.43 42.72 -8.65
N ASN B 292 2.98 43.20 -7.50
CA ASN B 292 3.48 44.44 -6.92
C ASN B 292 4.80 44.12 -6.21
N SER B 293 5.90 44.51 -6.85
CA SER B 293 7.24 44.14 -6.44
C SER B 293 7.53 44.44 -4.98
N SER B 294 6.77 45.36 -4.39
CA SER B 294 6.96 45.73 -2.99
C SER B 294 6.41 44.71 -1.98
N ARG B 295 5.37 43.96 -2.36
CA ARG B 295 4.76 42.95 -1.47
C ARG B 295 5.15 41.50 -1.82
N SER B 296 4.72 40.58 -0.98
CA SER B 296 4.93 39.17 -1.21
C SER B 296 3.72 38.44 -0.64
N PHE B 297 3.51 37.21 -1.04
CA PHE B 297 2.51 36.39 -0.37
C PHE B 297 3.10 35.05 0.10
N ARG B 298 2.28 34.28 0.81
CA ARG B 298 2.76 33.09 1.51
C ARG B 298 1.96 31.87 1.18
N ILE B 299 2.62 30.89 0.56
CA ILE B 299 2.02 29.56 0.46
C ILE B 299 2.63 28.67 1.55
N THR B 300 1.75 27.95 2.23
CA THR B 300 2.11 27.19 3.44
C THR B 300 1.59 25.76 3.39
N ILE B 301 2.51 24.81 3.53
CA ILE B 301 2.16 23.40 3.57
C ILE B 301 2.15 22.82 4.99
N LEU B 302 1.11 22.05 5.32
CA LEU B 302 1.03 21.41 6.61
C LEU B 302 1.61 19.97 6.55
N PRO B 303 1.98 19.40 7.70
CA PRO B 303 2.61 18.06 7.68
C PRO B 303 1.74 17.02 6.97
N GLN B 304 0.45 17.28 6.88
CA GLN B 304 -0.44 16.42 6.15
C GLN B 304 -0.03 16.38 4.68
N LEU B 305 0.85 17.28 4.26
CA LEU B 305 1.32 17.29 2.88
C LEU B 305 2.72 16.75 2.68
N TYR B 306 3.61 16.95 3.63
CA TYR B 306 4.97 16.48 3.44
C TYR B 306 5.39 15.27 4.30
N ILE B 307 4.51 14.85 5.20
CA ILE B 307 4.69 13.59 5.92
C ILE B 307 3.63 12.63 5.40
N GLN B 308 3.95 11.99 4.28
CA GLN B 308 2.95 11.35 3.43
C GLN B 308 2.65 9.89 3.78
N PRO B 309 1.36 9.60 4.05
CA PRO B 309 0.90 8.24 4.31
C PRO B 309 1.08 7.39 3.06
N MET B 310 1.61 6.18 3.21
CA MET B 310 1.99 5.35 2.05
C MET B 310 1.18 4.05 1.84
N MET B 311 0.40 3.67 2.85
CA MET B 311 -0.32 2.38 2.86
C MET B 311 -1.82 2.53 2.56
N GLY B 312 -2.60 2.85 3.59
CA GLY B 312 -4.06 2.97 3.48
C GLY B 312 -4.79 2.38 4.67
N TYR B 317 -1.87 1.66 12.17
CA TYR B 317 -0.54 1.30 11.72
C TYR B 317 -0.30 1.86 10.31
N GLU B 318 0.07 3.14 10.24
CA GLU B 318 0.39 3.80 8.98
C GLU B 318 1.86 4.21 8.95
N CYS B 319 2.45 4.17 7.76
CA CYS B 319 3.87 4.46 7.57
C CYS B 319 4.05 5.65 6.64
N TYR B 320 4.95 6.53 7.00
CA TYR B 320 5.05 7.84 6.39
C TYR B 320 6.39 8.08 5.69
N ARG B 321 6.33 8.82 4.57
CA ARG B 321 7.51 9.22 3.81
C ARG B 321 7.74 10.74 3.89
N PHE B 322 9.00 11.16 4.01
CA PHE B 322 9.36 12.59 3.86
C PHE B 322 9.13 13.09 2.42
N GLY B 323 8.16 13.98 2.23
CA GLY B 323 7.75 14.43 0.89
C GLY B 323 8.59 15.55 0.31
N ILE B 324 9.87 15.58 0.68
CA ILE B 324 10.78 16.64 0.28
C ILE B 324 12.11 15.99 -0.05
N SER B 325 12.74 16.39 -1.15
CA SER B 325 14.00 15.76 -1.53
C SER B 325 15.06 16.73 -2.10
N PRO B 326 16.32 16.28 -2.18
CA PRO B 326 17.38 17.08 -2.74
C PRO B 326 17.24 17.25 -4.24
N SER B 327 17.78 18.36 -4.74
CA SER B 327 17.90 18.63 -6.16
C SER B 327 19.31 19.14 -6.39
N THR B 328 19.90 18.81 -7.53
CA THR B 328 21.21 19.37 -7.84
C THR B 328 21.07 20.85 -8.19
N ASN B 329 20.20 21.16 -9.15
CA ASN B 329 20.10 22.51 -9.71
C ASN B 329 18.87 23.29 -9.27
N ALA B 330 17.68 22.82 -9.64
CA ALA B 330 16.46 23.58 -9.45
C ALA B 330 15.78 23.36 -8.10
N LEU B 331 14.96 24.32 -7.71
CA LEU B 331 14.02 24.15 -6.62
C LEU B 331 12.69 23.87 -7.30
N VAL B 332 12.10 22.70 -7.05
CA VAL B 332 10.88 22.34 -7.75
C VAL B 332 9.70 22.28 -6.80
N ILE B 333 8.72 23.14 -7.07
CA ILE B 333 7.39 23.04 -6.49
C ILE B 333 6.64 21.98 -7.30
N GLY B 334 6.70 20.77 -6.79
CA GLY B 334 6.19 19.60 -7.47
C GLY B 334 4.72 19.40 -7.20
N ALA B 335 4.24 18.23 -7.57
CA ALA B 335 2.84 17.93 -7.49
C ALA B 335 2.34 17.87 -6.05
N THR B 336 3.21 17.53 -5.12
CA THR B 336 2.78 17.35 -3.71
C THR B 336 2.39 18.67 -3.06
N VAL B 337 3.15 19.73 -3.33
CA VAL B 337 2.74 21.07 -2.94
C VAL B 337 1.46 21.50 -3.70
N MET B 338 1.48 21.32 -5.02
CA MET B 338 0.35 21.71 -5.85
C MET B 338 -0.96 21.16 -5.30
N GLU B 339 -0.94 19.95 -4.76
CA GLU B 339 -2.15 19.34 -4.19
C GLU B 339 -2.78 20.15 -3.06
N GLY B 340 -2.02 21.09 -2.49
CA GLY B 340 -2.55 21.98 -1.47
C GLY B 340 -3.25 23.21 -2.06
N PHE B 341 -3.19 23.39 -3.39
CA PHE B 341 -3.62 24.67 -4.00
C PHE B 341 -4.36 24.56 -5.34
N TYR B 342 -5.10 25.62 -5.66
CA TYR B 342 -5.57 25.80 -7.01
C TYR B 342 -4.49 26.61 -7.66
N VAL B 343 -3.97 26.12 -8.77
CA VAL B 343 -2.83 26.78 -9.42
C VAL B 343 -3.21 27.24 -10.82
N ILE B 344 -2.91 28.51 -11.09
CA ILE B 344 -3.34 29.13 -12.32
C ILE B 344 -2.14 29.55 -13.13
N PHE B 345 -2.05 29.00 -14.33
CA PHE B 345 -0.96 29.29 -15.23
C PHE B 345 -1.45 30.31 -16.24
N ASP B 346 -1.37 31.58 -15.84
CA ASP B 346 -1.79 32.68 -16.69
C ASP B 346 -0.63 33.09 -17.62
N ARG B 347 -0.53 32.38 -18.75
CA ARG B 347 0.51 32.63 -19.74
C ARG B 347 0.32 33.99 -20.41
N ALA B 348 -0.94 34.31 -20.69
CA ALA B 348 -1.32 35.59 -21.27
C ALA B 348 -0.83 36.85 -20.52
N GLN B 349 -0.63 36.75 -19.20
CA GLN B 349 -0.22 37.93 -18.40
C GLN B 349 1.03 37.61 -17.60
N LYS B 350 1.68 36.53 -18.00
CA LYS B 350 3.01 36.19 -17.51
C LYS B 350 3.00 36.05 -15.99
N ARG B 351 2.05 35.29 -15.49
CA ARG B 351 1.92 35.14 -14.04
C ARG B 351 1.45 33.75 -13.65
N VAL B 352 1.84 33.33 -12.44
CA VAL B 352 1.33 32.09 -11.85
C VAL B 352 0.46 32.43 -10.63
N GLY B 353 -0.77 31.93 -10.64
CA GLY B 353 -1.72 32.22 -9.58
C GLY B 353 -1.85 31.08 -8.59
N PHE B 354 -2.13 31.43 -7.34
CA PHE B 354 -2.35 30.46 -6.29
C PHE B 354 -3.59 30.81 -5.51
N ALA B 355 -4.40 29.82 -5.17
CA ALA B 355 -5.51 30.06 -4.25
C ALA B 355 -5.79 28.83 -3.37
N ALA B 356 -6.54 29.04 -2.30
CA ALA B 356 -6.89 27.94 -1.41
C ALA B 356 -7.85 27.08 -2.15
N SER B 357 -7.70 25.78 -1.99
CA SER B 357 -8.54 24.84 -2.70
C SER B 357 -9.44 24.12 -1.72
N PRO B 358 -10.77 24.16 -1.94
CA PRO B 358 -11.71 23.50 -1.03
C PRO B 358 -11.45 21.99 -0.91
N CYS B 359 -11.07 21.36 -2.01
CA CYS B 359 -10.85 19.91 -2.05
C CYS B 359 -9.53 19.45 -1.39
N ALA B 360 -8.72 20.39 -0.92
CA ALA B 360 -7.49 20.06 -0.21
C ALA B 360 -7.76 19.67 1.25
N GLU B 361 -8.77 18.84 1.46
CA GLU B 361 -9.16 18.43 2.80
C GLU B 361 -8.63 17.03 3.11
N ILE B 362 -7.87 16.92 4.19
CA ILE B 362 -7.44 15.62 4.71
C ILE B 362 -8.40 15.21 5.85
N ALA B 363 -9.47 14.52 5.45
CA ALA B 363 -10.67 14.30 6.28
C ALA B 363 -11.13 15.63 6.91
N GLY B 364 -11.74 16.47 6.08
CA GLY B 364 -12.31 17.74 6.55
C GLY B 364 -11.32 18.81 6.98
N ALA B 365 -10.18 18.39 7.53
CA ALA B 365 -9.14 19.33 7.97
C ALA B 365 -8.36 19.87 6.78
N ALA B 366 -8.11 21.18 6.78
CA ALA B 366 -7.28 21.79 5.76
C ALA B 366 -5.89 21.16 5.80
N VAL B 367 -5.20 21.22 4.66
CA VAL B 367 -3.90 20.59 4.51
C VAL B 367 -2.87 21.67 4.15
N SER B 368 -3.39 22.88 3.92
CA SER B 368 -2.57 24.02 3.48
C SER B 368 -3.22 25.38 3.75
N GLU B 369 -2.38 26.41 3.62
CA GLU B 369 -2.74 27.80 3.88
C GLU B 369 -2.10 28.72 2.86
N ILE B 370 -2.75 29.84 2.64
CA ILE B 370 -2.20 30.91 1.80
C ILE B 370 -2.53 32.25 2.45
N SER B 371 -1.57 33.17 2.47
CA SER B 371 -1.82 34.49 3.03
C SER B 371 -0.93 35.60 2.46
N GLY B 372 -1.39 36.84 2.64
CA GLY B 372 -0.66 38.03 2.19
C GLY B 372 -1.46 39.31 2.42
N PRO B 373 -0.85 40.48 2.16
CA PRO B 373 0.54 40.67 1.72
C PRO B 373 1.55 40.73 2.87
N PHE B 374 2.85 40.76 2.51
CA PHE B 374 3.95 40.98 3.45
C PHE B 374 4.97 41.90 2.79
N SER B 375 5.77 42.60 3.60
CA SER B 375 6.73 43.57 3.07
C SER B 375 7.98 42.89 2.50
N THR B 376 8.65 43.54 1.55
CA THR B 376 9.86 42.96 0.93
C THR B 376 11.08 43.89 0.87
N GLU B 377 11.32 44.66 1.93
CA GLU B 377 12.52 45.53 2.00
C GLU B 377 13.72 44.87 2.69
N ASP B 378 13.41 44.01 3.67
CA ASP B 378 14.41 43.16 4.33
C ASP B 378 15.01 42.10 3.39
N VAL B 379 14.47 42.02 2.17
CA VAL B 379 14.96 41.11 1.13
C VAL B 379 15.30 41.91 -0.14
N ALA B 380 16.35 41.48 -0.85
CA ALA B 380 16.77 42.15 -2.09
C ALA B 380 15.62 42.29 -3.08
N SER B 381 15.71 43.30 -3.94
CA SER B 381 14.64 43.55 -4.92
C SER B 381 14.53 42.41 -5.95
N ASN B 382 15.68 41.84 -6.33
CA ASN B 382 15.71 40.64 -7.17
C ASN B 382 16.58 39.54 -6.58
N CYS B 383 16.00 38.34 -6.45
CA CYS B 383 16.70 37.20 -5.88
C CYS B 383 17.08 36.14 -6.93
N VAL B 384 16.76 36.43 -8.19
CA VAL B 384 17.03 35.49 -9.25
C VAL B 384 18.33 35.82 -9.98
N PRO B 385 19.31 34.91 -9.90
CA PRO B 385 20.55 35.03 -10.68
C PRO B 385 20.29 35.32 -12.16
#